data_4JBY
#
_entry.id   4JBY
#
_cell.length_a   113.166
_cell.length_b   116.569
_cell.length_c   108.309
_cell.angle_alpha   90.00
_cell.angle_beta   90.00
_cell.angle_gamma   90.00
#
_symmetry.space_group_name_H-M   'C 2 2 21'
#
loop_
_entity.id
_entity.type
_entity.pdbx_description
1 polymer 'Thymidine kinase'
2 non-polymer 6-[(1Z)-3-fluoro-2-(hydroxymethyl)prop-1-en-1-yl]-1,5-dimethylpyrimidine-2,4(1H,3H)-dione
3 non-polymer 'SULFATE ION'
4 non-polymer 1,2-ETHANEDIOL
5 water water
#
_entity_poly.entity_id   1
_entity_poly.type   'polypeptide(L)'
_entity_poly.pdbx_seq_one_letter_code
;KMPTLLRVYIDGPHGMGKTTTTQLLVALGSRDDIVYVPEPMTYWRVLGASETIANIYTTQHRLDQGEISAGDAAVVMTSA
QITMGMPYAVTDAVLAPHIGGEAGSSHAPPPALTLIFDRHPIAALLCYPAARYLMGSMTPQAVLAFVALIPPTLPGTNIV
LGALPEDRHIDRLAKRQRPGERLDLAMLAAIRRVYGLLANTVRYLQCGGSWREDWGQLSGTAVPPQGAEPQSNAGPRPHI
GDTLFTLFRAPELLAPNGDLYNVFAWALDVLAKRLRSMHVFILDYDQSPAGCRDALLQLTSGMVQTHVTTPGSIPTICDL
ARTFAREMGEAN
;
_entity_poly.pdbx_strand_id   A,B
#
loop_
_chem_comp.id
_chem_comp.type
_chem_comp.name
_chem_comp.formula
EDO non-polymer 1,2-ETHANEDIOL 'C2 H6 O2'
FSK non-polymer 6-[(1Z)-3-fluoro-2-(hydroxymethyl)prop-1-en-1-yl]-1,5-dimethylpyrimidine-2,4(1H,3H)-dione 'C10 H13 F N2 O3'
SO4 non-polymer 'SULFATE ION' 'O4 S -2'
#
# COMPACT_ATOMS: atom_id res chain seq x y z
N LYS A 1 22.35 20.99 -10.30
CA LYS A 1 23.43 21.32 -9.39
C LYS A 1 23.57 20.28 -8.27
N MET A 2 22.55 19.43 -8.14
CA MET A 2 22.52 18.46 -7.06
C MET A 2 23.36 17.22 -7.36
N PRO A 3 23.89 16.56 -6.31
CA PRO A 3 24.68 15.34 -6.47
C PRO A 3 23.89 14.23 -7.16
N THR A 4 24.57 13.21 -7.66
CA THR A 4 23.87 12.13 -8.34
C THR A 4 23.83 10.87 -7.50
N LEU A 5 22.77 10.08 -7.71
CA LEU A 5 22.56 8.86 -6.97
C LEU A 5 22.31 7.69 -7.92
N LEU A 6 22.88 6.54 -7.58
CA LEU A 6 22.57 5.30 -8.30
C LEU A 6 21.91 4.30 -7.34
N ARG A 7 20.64 3.98 -7.59
CA ARG A 7 19.97 2.96 -6.79
C ARG A 7 19.94 1.63 -7.54
N VAL A 8 20.25 0.56 -6.82
CA VAL A 8 20.31 -0.77 -7.41
C VAL A 8 19.55 -1.71 -6.51
N TYR A 9 18.47 -2.30 -7.03
CA TYR A 9 17.68 -3.27 -6.26
C TYR A 9 18.04 -4.69 -6.68
N ILE A 10 18.67 -5.45 -5.79
CA ILE A 10 19.01 -6.84 -6.06
CA ILE A 10 18.99 -6.83 -6.08
C ILE A 10 17.81 -7.72 -5.71
N ASP A 11 17.21 -8.33 -6.73
CA ASP A 11 15.96 -9.01 -6.51
C ASP A 11 15.94 -10.34 -7.25
N GLY A 12 14.77 -10.76 -7.75
CA GLY A 12 14.65 -12.07 -8.36
C GLY A 12 14.38 -13.13 -7.31
N PRO A 13 14.22 -14.39 -7.74
CA PRO A 13 13.89 -15.46 -6.81
C PRO A 13 15.03 -15.62 -5.80
N HIS A 14 14.73 -15.84 -4.52
CA HIS A 14 15.79 -16.01 -3.53
C HIS A 14 16.52 -17.34 -3.74
N GLY A 15 17.67 -17.51 -3.09
CA GLY A 15 18.37 -18.78 -3.11
C GLY A 15 19.22 -19.06 -4.34
N MET A 16 19.54 -18.02 -5.11
CA MET A 16 20.39 -18.21 -6.30
C MET A 16 21.87 -17.98 -6.07
N GLY A 17 22.22 -17.15 -5.09
CA GLY A 17 23.61 -16.84 -4.85
C GLY A 17 24.27 -17.71 -3.80
N LYS A 18 25.40 -17.24 -3.29
CA LYS A 18 26.09 -17.91 -2.20
C LYS A 18 26.19 -16.95 -1.01
N THR A 19 26.36 -17.52 0.17
CA THR A 19 26.48 -16.73 1.39
C THR A 19 27.72 -15.86 1.36
N THR A 20 28.74 -16.32 0.62
CA THR A 20 29.94 -15.54 0.37
C THR A 20 29.65 -14.47 -0.71
N THR A 21 28.52 -14.63 -1.39
CA THR A 21 28.03 -13.65 -2.34
C THR A 21 27.66 -12.34 -1.65
N THR A 22 26.86 -12.41 -0.57
CA THR A 22 26.45 -11.20 0.14
C THR A 22 27.60 -10.51 0.85
N GLN A 23 28.55 -11.29 1.36
CA GLN A 23 29.70 -10.72 2.08
C GLN A 23 30.44 -9.70 1.21
N LEU A 24 30.66 -10.06 -0.06
CA LEU A 24 31.30 -9.16 -1.02
C LEU A 24 30.46 -7.88 -1.19
N LEU A 25 29.14 -8.04 -1.18
CA LEU A 25 28.20 -6.93 -1.25
C LEU A 25 28.29 -6.06 0.02
N VAL A 26 28.41 -6.70 1.18
CA VAL A 26 28.72 -5.98 2.41
C VAL A 26 30.11 -5.35 2.26
N ALA A 27 31.02 -6.10 1.65
CA ALA A 27 32.39 -5.65 1.46
C ALA A 27 32.42 -4.43 0.54
N LEU A 28 31.64 -4.51 -0.53
CA LEU A 28 31.53 -3.40 -1.48
C LEU A 28 30.97 -2.17 -0.76
N GLY A 29 30.05 -2.41 0.16
CA GLY A 29 29.47 -1.36 0.97
C GLY A 29 30.49 -0.75 1.92
N SER A 30 31.66 -1.36 2.01
CA SER A 30 32.74 -0.88 2.88
C SER A 30 33.22 0.51 2.48
N ARG A 31 33.18 0.78 1.18
CA ARG A 31 33.50 2.13 0.67
C ARG A 31 32.54 3.15 1.26
N ASP A 32 32.95 4.42 1.22
CA ASP A 32 32.12 5.50 1.73
C ASP A 32 31.11 5.99 0.69
N ASP A 33 31.32 5.60 -0.57
CA ASP A 33 30.44 6.03 -1.66
C ASP A 33 29.47 4.94 -2.10
N ILE A 34 29.38 3.86 -1.31
CA ILE A 34 28.43 2.79 -1.55
C ILE A 34 27.88 2.28 -0.22
N VAL A 35 26.55 2.24 -0.10
CA VAL A 35 25.91 1.63 1.06
C VAL A 35 25.02 0.47 0.64
N TYR A 36 25.01 -0.60 1.45
CA TYR A 36 24.26 -1.82 1.14
C TYR A 36 23.15 -2.11 2.15
N VAL A 37 21.92 -1.70 1.81
CA VAL A 37 20.71 -1.97 2.60
C VAL A 37 20.39 -3.46 2.58
N PRO A 38 20.61 -4.14 3.71
CA PRO A 38 20.55 -5.60 3.71
C PRO A 38 19.14 -6.13 3.97
N GLU A 39 19.00 -7.44 3.87
CA GLU A 39 17.71 -8.09 4.03
C GLU A 39 17.25 -7.95 5.48
N PRO A 40 16.01 -7.49 5.67
CA PRO A 40 15.54 -7.17 7.02
C PRO A 40 15.06 -8.38 7.82
N MET A 41 15.94 -9.37 7.99
CA MET A 41 15.57 -10.63 8.63
C MET A 41 15.08 -10.45 10.06
N THR A 42 15.68 -9.51 10.80
CA THR A 42 15.25 -9.26 12.17
C THR A 42 13.80 -8.72 12.22
N TYR A 43 13.39 -7.96 11.21
CA TYR A 43 11.99 -7.52 11.18
C TYR A 43 11.05 -8.72 11.01
N TRP A 44 11.39 -9.58 10.06
CA TRP A 44 10.58 -10.75 9.74
C TRP A 44 10.49 -11.75 10.90
N ARG A 45 11.62 -12.00 11.55
CA ARG A 45 11.68 -12.97 12.64
C ARG A 45 11.21 -12.43 14.00
N VAL A 46 11.44 -11.13 14.26
CA VAL A 46 11.13 -10.57 15.58
C VAL A 46 10.29 -9.27 15.62
N LEU A 47 10.72 -8.24 14.92
CA LEU A 47 10.13 -6.91 15.09
C LEU A 47 8.68 -6.76 14.59
N GLY A 48 8.41 -7.23 13.38
CA GLY A 48 7.09 -7.12 12.80
C GLY A 48 6.12 -8.18 13.27
N ALA A 49 6.65 -9.39 13.46
CA ALA A 49 5.87 -10.53 13.89
C ALA A 49 6.89 -11.62 14.23
N SER A 50 6.41 -12.76 14.73
CA SER A 50 7.33 -13.80 15.17
C SER A 50 7.51 -14.87 14.09
N GLU A 51 8.73 -14.95 13.56
CA GLU A 51 9.12 -15.96 12.57
C GLU A 51 8.18 -16.00 11.36
N THR A 52 8.06 -14.86 10.67
CA THR A 52 7.10 -14.75 9.56
C THR A 52 7.37 -15.80 8.49
N ILE A 53 8.64 -16.05 8.18
CA ILE A 53 9.00 -17.03 7.17
CA ILE A 53 9.00 -17.03 7.17
C ILE A 53 8.49 -18.43 7.54
N ALA A 54 8.68 -18.82 8.80
CA ALA A 54 8.18 -20.10 9.30
C ALA A 54 6.68 -20.20 9.14
N ASN A 55 6.00 -19.12 9.53
CA ASN A 55 4.56 -19.00 9.39
C ASN A 55 4.12 -19.23 7.95
N ILE A 56 4.81 -18.59 7.02
CA ILE A 56 4.51 -18.74 5.60
C ILE A 56 4.65 -20.18 5.12
N TYR A 57 5.79 -20.81 5.40
CA TYR A 57 6.03 -22.14 4.87
C TYR A 57 5.23 -23.24 5.57
N THR A 58 4.96 -23.05 6.85
CA THR A 58 4.13 -24.01 7.59
C THR A 58 2.70 -23.98 7.04
N THR A 59 2.21 -22.78 6.77
CA THR A 59 0.87 -22.60 6.22
C THR A 59 0.70 -23.29 4.87
N GLN A 60 1.66 -23.15 3.96
CA GLN A 60 1.55 -23.81 2.68
C GLN A 60 1.53 -25.32 2.89
N HIS A 61 2.43 -25.78 3.77
CA HIS A 61 2.56 -27.20 4.08
C HIS A 61 1.24 -27.79 4.58
N ARG A 62 0.64 -27.14 5.56
CA ARG A 62 -0.66 -27.56 6.10
C ARG A 62 -1.77 -27.56 5.03
N LEU A 63 -1.72 -26.59 4.12
CA LEU A 63 -2.69 -26.55 3.03
C LEU A 63 -2.46 -27.74 2.12
N ASP A 64 -1.19 -27.95 1.76
CA ASP A 64 -0.81 -29.07 0.92
C ASP A 64 -1.25 -30.40 1.52
N GLN A 65 -1.24 -30.49 2.86
CA GLN A 65 -1.57 -31.73 3.56
C GLN A 65 -3.06 -31.86 3.81
N GLY A 66 -3.83 -30.82 3.48
CA GLY A 66 -5.27 -30.86 3.62
C GLY A 66 -5.73 -30.47 5.01
N GLU A 67 -4.81 -30.02 5.84
CA GLU A 67 -5.14 -29.71 7.23
C GLU A 67 -5.85 -28.36 7.41
N ILE A 68 -5.69 -27.46 6.43
CA ILE A 68 -6.42 -26.20 6.44
C ILE A 68 -6.97 -25.92 5.04
N SER A 69 -8.00 -25.07 4.95
CA SER A 69 -8.61 -24.74 3.65
C SER A 69 -7.81 -23.70 2.88
N ALA A 70 -8.12 -23.59 1.59
CA ALA A 70 -7.54 -22.57 0.73
C ALA A 70 -7.80 -21.17 1.30
N GLY A 71 -8.99 -20.98 1.88
CA GLY A 71 -9.37 -19.72 2.49
C GLY A 71 -8.56 -19.40 3.74
N ASP A 72 -8.38 -20.40 4.60
CA ASP A 72 -7.55 -20.26 5.80
C ASP A 72 -6.15 -19.84 5.40
N ALA A 73 -5.59 -20.52 4.41
CA ALA A 73 -4.22 -20.25 3.96
C ALA A 73 -4.09 -18.85 3.38
N ALA A 74 -5.09 -18.42 2.61
CA ALA A 74 -5.07 -17.10 1.97
C ALA A 74 -4.97 -15.94 2.94
N VAL A 75 -5.74 -15.98 4.02
CA VAL A 75 -5.73 -14.87 4.96
C VAL A 75 -4.40 -14.80 5.68
N VAL A 76 -3.81 -15.98 5.95
CA VAL A 76 -2.47 -16.04 6.54
C VAL A 76 -1.38 -15.49 5.61
N MET A 77 -1.33 -16.01 4.39
CA MET A 77 -0.37 -15.54 3.39
C MET A 77 -0.48 -14.03 3.17
N THR A 78 -1.71 -13.54 3.05
CA THR A 78 -1.94 -12.12 2.80
C THR A 78 -1.35 -11.27 3.93
N SER A 79 -1.70 -11.58 5.16
CA SER A 79 -1.26 -10.76 6.28
C SER A 79 0.24 -10.94 6.52
N ALA A 80 0.76 -12.13 6.23
CA ALA A 80 2.19 -12.37 6.34
C ALA A 80 2.98 -11.56 5.30
N GLN A 81 2.45 -11.49 4.07
CA GLN A 81 3.09 -10.71 3.01
C GLN A 81 3.14 -9.22 3.33
N ILE A 82 2.18 -8.74 4.11
CA ILE A 82 2.22 -7.36 4.59
C ILE A 82 3.46 -7.20 5.49
N THR A 83 3.63 -8.12 6.43
CA THR A 83 4.79 -8.08 7.32
C THR A 83 6.10 -8.14 6.55
N MET A 84 6.17 -9.01 5.55
CA MET A 84 7.40 -9.21 4.78
C MET A 84 7.83 -7.92 4.08
N GLY A 85 6.86 -7.20 3.53
CA GLY A 85 7.16 -6.09 2.65
C GLY A 85 7.33 -4.77 3.36
N MET A 86 6.90 -4.71 4.61
CA MET A 86 6.90 -3.43 5.37
C MET A 86 8.24 -2.69 5.33
N PRO A 87 9.37 -3.38 5.59
CA PRO A 87 10.64 -2.63 5.52
C PRO A 87 10.92 -2.02 4.15
N TYR A 88 10.54 -2.69 3.07
CA TYR A 88 10.77 -2.16 1.73
C TYR A 88 9.89 -0.96 1.48
N ALA A 89 8.65 -1.04 1.96
CA ALA A 89 7.68 0.01 1.66
C ALA A 89 8.00 1.28 2.43
N VAL A 90 8.33 1.15 3.72
CA VAL A 90 8.70 2.31 4.54
CA VAL A 90 8.65 2.33 4.50
C VAL A 90 9.92 2.99 3.96
N THR A 91 10.90 2.18 3.56
CA THR A 91 12.14 2.67 2.98
C THR A 91 11.88 3.43 1.70
N ASP A 92 11.04 2.86 0.83
CA ASP A 92 10.71 3.53 -0.42
C ASP A 92 10.05 4.89 -0.15
N ALA A 93 9.14 4.91 0.81
CA ALA A 93 8.34 6.10 1.09
C ALA A 93 9.16 7.24 1.70
N VAL A 94 10.15 6.92 2.53
CA VAL A 94 10.98 7.97 3.11
C VAL A 94 12.06 8.42 2.11
N LEU A 95 12.41 7.54 1.19
CA LEU A 95 13.39 7.88 0.17
C LEU A 95 12.79 8.72 -0.96
N ALA A 96 11.52 8.49 -1.28
CA ALA A 96 10.87 9.12 -2.42
C ALA A 96 11.09 10.63 -2.59
N PRO A 97 10.93 11.43 -1.52
CA PRO A 97 11.09 12.88 -1.69
C PRO A 97 12.51 13.29 -2.07
N HIS A 98 13.49 12.46 -1.75
CA HIS A 98 14.89 12.76 -2.04
C HIS A 98 15.32 12.50 -3.49
N ILE A 99 14.48 11.85 -4.29
CA ILE A 99 14.87 11.45 -5.64
C ILE A 99 14.42 12.45 -6.70
N GLY A 100 15.37 13.00 -7.44
CA GLY A 100 15.05 13.92 -8.52
C GLY A 100 14.91 13.25 -9.88
N GLY A 101 15.14 14.01 -10.94
CA GLY A 101 15.07 13.50 -12.29
C GLY A 101 16.36 12.80 -12.66
N GLU A 102 16.37 12.17 -13.83
CA GLU A 102 17.51 11.43 -14.32
C GLU A 102 18.70 12.35 -14.52
N ALA A 103 19.89 11.77 -14.46
CA ALA A 103 21.12 12.52 -14.69
C ALA A 103 21.75 12.13 -16.03
N PRO A 109 29.54 10.00 -15.99
CA PRO A 109 30.35 10.23 -14.79
C PRO A 109 29.91 9.32 -13.65
N PRO A 110 30.81 9.04 -12.69
CA PRO A 110 30.44 8.23 -11.53
C PRO A 110 29.51 8.99 -10.58
N PRO A 111 28.59 8.27 -9.92
CA PRO A 111 27.60 8.89 -9.03
C PRO A 111 28.20 9.23 -7.68
N ALA A 112 27.62 10.22 -7.02
CA ALA A 112 28.11 10.65 -5.71
C ALA A 112 27.91 9.54 -4.69
N LEU A 113 26.85 8.77 -4.89
CA LEU A 113 26.48 7.72 -3.96
C LEU A 113 25.79 6.57 -4.71
N THR A 114 26.15 5.34 -4.34
CA THR A 114 25.47 4.18 -4.89
C THR A 114 24.78 3.43 -3.77
N LEU A 115 23.47 3.25 -3.94
CA LEU A 115 22.66 2.65 -2.91
C LEU A 115 22.24 1.29 -3.43
N ILE A 116 22.73 0.22 -2.80
CA ILE A 116 22.36 -1.13 -3.21
C ILE A 116 21.38 -1.75 -2.23
N PHE A 117 20.16 -2.01 -2.67
CA PHE A 117 19.15 -2.63 -1.81
C PHE A 117 19.08 -4.13 -2.00
N ASP A 118 18.85 -4.85 -0.90
CA ASP A 118 18.45 -6.24 -0.99
C ASP A 118 16.92 -6.25 -1.20
N ARG A 119 16.51 -6.39 -2.47
CA ARG A 119 15.11 -6.43 -2.91
C ARG A 119 14.39 -5.08 -3.08
N HIS A 120 13.40 -5.09 -3.96
CA HIS A 120 12.51 -3.96 -4.24
C HIS A 120 11.12 -4.29 -3.66
N PRO A 121 10.31 -3.26 -3.36
CA PRO A 121 8.92 -3.45 -2.92
C PRO A 121 8.10 -4.44 -3.75
N ILE A 122 8.32 -4.52 -5.07
CA ILE A 122 7.52 -5.47 -5.86
C ILE A 122 7.74 -6.92 -5.46
N ALA A 123 8.87 -7.25 -4.84
CA ALA A 123 9.10 -8.64 -4.42
C ALA A 123 7.98 -9.06 -3.46
N ALA A 124 7.67 -8.19 -2.50
CA ALA A 124 6.66 -8.51 -1.51
C ALA A 124 5.23 -8.11 -1.91
N LEU A 125 5.10 -7.21 -2.86
CA LEU A 125 3.78 -6.72 -3.24
C LEU A 125 3.26 -7.47 -4.45
N LEU A 126 4.14 -7.91 -5.32
CA LEU A 126 3.70 -8.53 -6.56
C LEU A 126 4.19 -9.96 -6.73
N CYS A 127 5.50 -10.16 -6.58
CA CYS A 127 6.13 -11.41 -7.00
C CYS A 127 5.85 -12.62 -6.10
N TYR A 128 6.20 -12.52 -4.81
CA TYR A 128 5.87 -13.60 -3.88
C TYR A 128 4.35 -13.82 -3.76
N PRO A 129 3.57 -12.72 -3.68
CA PRO A 129 2.11 -12.90 -3.73
C PRO A 129 1.62 -13.65 -4.98
N ALA A 130 2.11 -13.29 -6.16
CA ALA A 130 1.67 -13.97 -7.38
C ALA A 130 2.08 -15.45 -7.34
N ALA A 131 3.25 -15.74 -6.79
CA ALA A 131 3.69 -17.13 -6.69
C ALA A 131 2.77 -17.89 -5.74
N ARG A 132 2.42 -17.28 -4.62
CA ARG A 132 1.49 -17.92 -3.70
C ARG A 132 0.10 -18.13 -4.33
N TYR A 133 -0.32 -17.18 -5.18
CA TYR A 133 -1.55 -17.40 -5.97
C TYR A 133 -1.43 -18.70 -6.78
N LEU A 134 -0.30 -18.86 -7.46
CA LEU A 134 -0.04 -20.08 -8.24
C LEU A 134 0.06 -21.35 -7.38
N MET A 135 0.34 -21.18 -6.09
CA MET A 135 0.44 -22.28 -5.14
C MET A 135 -0.90 -22.53 -4.49
N GLY A 136 -1.91 -21.80 -4.95
CA GLY A 136 -3.25 -21.93 -4.39
C GLY A 136 -3.44 -21.40 -2.98
N SER A 137 -2.52 -20.55 -2.50
CA SER A 137 -2.64 -20.04 -1.14
C SER A 137 -2.83 -18.52 -1.03
N MET A 138 -3.14 -17.87 -2.15
CA MET A 138 -3.57 -16.46 -2.14
C MET A 138 -4.59 -16.22 -3.24
N THR A 139 -5.60 -15.42 -2.93
CA THR A 139 -6.61 -15.08 -3.93
C THR A 139 -6.02 -14.09 -4.91
N PRO A 140 -6.44 -14.15 -6.19
CA PRO A 140 -5.96 -13.17 -7.15
C PRO A 140 -6.44 -11.75 -6.85
N GLN A 141 -7.57 -11.59 -6.16
CA GLN A 141 -8.05 -10.27 -5.74
C GLN A 141 -7.07 -9.61 -4.78
N ALA A 142 -6.56 -10.38 -3.82
CA ALA A 142 -5.55 -9.88 -2.89
C ALA A 142 -4.28 -9.45 -3.63
N VAL A 143 -3.82 -10.28 -4.55
CA VAL A 143 -2.63 -9.95 -5.33
C VAL A 143 -2.83 -8.63 -6.06
N LEU A 144 -3.99 -8.43 -6.66
CA LEU A 144 -4.23 -7.18 -7.37
C LEU A 144 -4.43 -5.99 -6.43
N ALA A 145 -4.85 -6.26 -5.20
CA ALA A 145 -4.91 -5.22 -4.19
C ALA A 145 -3.50 -4.79 -3.81
N PHE A 146 -2.59 -5.76 -3.66
CA PHE A 146 -1.19 -5.44 -3.41
C PHE A 146 -0.59 -4.66 -4.58
N VAL A 147 -0.90 -5.10 -5.78
CA VAL A 147 -0.46 -4.41 -6.99
C VAL A 147 -0.91 -2.94 -6.94
N ALA A 148 -2.15 -2.71 -6.56
CA ALA A 148 -2.71 -1.36 -6.55
C ALA A 148 -1.97 -0.45 -5.58
N LEU A 149 -1.29 -1.05 -4.61
CA LEU A 149 -0.53 -0.33 -3.60
C LEU A 149 0.97 -0.22 -3.91
N ILE A 150 1.39 -0.64 -5.10
CA ILE A 150 2.80 -0.53 -5.46
C ILE A 150 3.09 0.96 -5.59
N PRO A 151 4.13 1.43 -4.91
CA PRO A 151 4.38 2.87 -4.97
C PRO A 151 4.79 3.27 -6.39
N PRO A 152 4.54 4.54 -6.78
CA PRO A 152 4.83 4.99 -8.14
C PRO A 152 6.30 4.76 -8.46
N THR A 153 6.60 4.38 -9.70
CA THR A 153 7.99 4.09 -10.06
C THR A 153 8.75 5.39 -10.32
N LEU A 154 9.73 5.65 -9.46
CA LEU A 154 10.53 6.85 -9.55
C LEU A 154 11.61 6.68 -10.60
N PRO A 155 12.21 7.78 -11.05
CA PRO A 155 13.32 7.69 -12.01
C PRO A 155 14.46 6.87 -11.43
N GLY A 156 15.24 6.22 -12.30
CA GLY A 156 16.42 5.50 -11.89
C GLY A 156 16.17 4.23 -11.09
N THR A 157 15.02 3.61 -11.31
CA THR A 157 14.70 2.38 -10.60
C THR A 157 15.31 1.17 -11.32
N ASN A 158 16.54 0.82 -10.92
CA ASN A 158 17.26 -0.28 -11.54
C ASN A 158 17.07 -1.56 -10.75
N ILE A 159 16.45 -2.57 -11.38
CA ILE A 159 16.17 -3.85 -10.74
C ILE A 159 17.03 -4.92 -11.37
N VAL A 160 17.78 -5.66 -10.54
CA VAL A 160 18.60 -6.78 -11.00
C VAL A 160 17.87 -8.08 -10.71
N LEU A 161 17.62 -8.87 -11.76
CA LEU A 161 16.98 -10.17 -11.61
C LEU A 161 17.99 -11.27 -11.96
N GLY A 162 17.86 -12.44 -11.34
CA GLY A 162 18.82 -13.50 -11.58
C GLY A 162 18.52 -14.48 -12.71
N ALA A 163 19.58 -15.05 -13.26
CA ALA A 163 19.47 -16.16 -14.20
C ALA A 163 20.26 -17.33 -13.62
N LEU A 164 19.62 -18.48 -13.49
CA LEU A 164 20.29 -19.69 -13.02
C LEU A 164 19.44 -20.87 -13.45
N PRO A 165 20.07 -21.88 -14.06
CA PRO A 165 19.30 -23.09 -14.40
C PRO A 165 18.67 -23.70 -13.14
N GLU A 166 17.49 -24.26 -13.29
CA GLU A 166 16.70 -24.75 -12.15
C GLU A 166 17.42 -25.74 -11.23
N ASP A 167 18.14 -26.69 -11.82
CA ASP A 167 18.83 -27.72 -11.04
C ASP A 167 19.91 -27.11 -10.15
N ARG A 168 20.75 -26.26 -10.73
CA ARG A 168 21.73 -25.51 -9.96
C ARG A 168 21.06 -24.63 -8.88
N HIS A 169 19.90 -24.07 -9.19
CA HIS A 169 19.17 -23.22 -8.24
C HIS A 169 18.69 -24.07 -7.08
N ILE A 170 18.21 -25.28 -7.37
CA ILE A 170 17.73 -26.18 -6.33
C ILE A 170 18.90 -26.51 -5.39
N ASP A 171 20.06 -26.76 -5.98
CA ASP A 171 21.27 -27.09 -5.23
C ASP A 171 21.65 -25.97 -4.25
N ARG A 172 21.79 -24.76 -4.79
CA ARG A 172 22.15 -23.62 -3.96
C ARG A 172 21.12 -23.33 -2.87
N LEU A 173 19.85 -23.42 -3.23
CA LEU A 173 18.77 -23.15 -2.28
C LEU A 173 18.77 -24.17 -1.14
N ALA A 174 18.99 -25.44 -1.46
CA ALA A 174 19.03 -26.49 -0.46
C ALA A 174 20.15 -26.24 0.56
N LYS A 175 21.21 -25.57 0.11
CA LYS A 175 22.39 -25.38 0.96
C LYS A 175 22.31 -24.10 1.78
N ARG A 176 21.32 -23.25 1.52
CA ARG A 176 21.11 -22.08 2.36
C ARG A 176 19.64 -21.76 2.62
N GLN A 177 18.95 -22.70 3.26
CA GLN A 177 17.60 -22.49 3.73
C GLN A 177 17.58 -21.43 4.83
N ARG A 178 16.54 -20.61 4.84
CA ARG A 178 16.41 -19.53 5.82
C ARG A 178 15.61 -20.04 7.01
N PRO A 179 15.63 -19.32 8.14
CA PRO A 179 14.91 -19.80 9.34
C PRO A 179 13.41 -19.99 9.09
N GLY A 180 12.94 -21.20 9.32
CA GLY A 180 11.53 -21.52 9.13
C GLY A 180 11.17 -21.96 7.72
N GLU A 181 12.13 -21.85 6.80
CA GLU A 181 11.87 -22.19 5.40
C GLU A 181 11.80 -23.71 5.20
N ARG A 182 10.97 -24.15 4.25
CA ARG A 182 10.95 -25.55 3.84
C ARG A 182 11.29 -25.63 2.37
N LEU A 183 12.01 -26.67 1.96
CA LEU A 183 12.48 -26.78 0.59
C LEU A 183 11.35 -27.33 -0.30
N ASP A 184 10.62 -26.43 -0.94
CA ASP A 184 9.40 -26.75 -1.66
C ASP A 184 9.68 -26.53 -3.15
N LEU A 185 9.74 -27.61 -3.91
CA LEU A 185 10.01 -27.52 -5.34
C LEU A 185 8.89 -26.87 -6.14
N ALA A 186 7.66 -27.08 -5.70
CA ALA A 186 6.52 -26.40 -6.32
C ALA A 186 6.65 -24.87 -6.16
N MET A 187 7.01 -24.41 -4.96
CA MET A 187 7.23 -22.97 -4.75
C MET A 187 8.41 -22.45 -5.57
N LEU A 188 9.50 -23.22 -5.67
CA LEU A 188 10.61 -22.79 -6.51
C LEU A 188 10.19 -22.56 -7.95
N ALA A 189 9.41 -23.50 -8.49
CA ALA A 189 8.91 -23.40 -9.84
C ALA A 189 7.97 -22.18 -10.00
N ALA A 190 7.09 -21.99 -9.02
CA ALA A 190 6.17 -20.85 -9.05
C ALA A 190 6.91 -19.52 -9.04
N ILE A 191 7.87 -19.38 -8.13
CA ILE A 191 8.53 -18.10 -7.97
C ILE A 191 9.46 -17.85 -9.16
N ARG A 192 10.08 -18.91 -9.67
CA ARG A 192 10.89 -18.79 -10.86
C ARG A 192 10.02 -18.38 -12.06
N ARG A 193 8.84 -18.96 -12.17
CA ARG A 193 7.92 -18.62 -13.25
C ARG A 193 7.46 -17.17 -13.19
N VAL A 194 7.04 -16.72 -12.01
CA VAL A 194 6.63 -15.32 -11.82
C VAL A 194 7.75 -14.35 -12.24
N TYR A 195 8.97 -14.59 -11.77
CA TYR A 195 10.07 -13.69 -12.11
C TYR A 195 10.42 -13.72 -13.59
N GLY A 196 10.32 -14.89 -14.21
CA GLY A 196 10.47 -14.98 -15.65
C GLY A 196 9.40 -14.16 -16.36
N LEU A 197 8.15 -14.32 -15.95
CA LEU A 197 7.06 -13.54 -16.52
C LEU A 197 7.28 -12.03 -16.28
N LEU A 198 7.78 -11.68 -15.10
CA LEU A 198 8.10 -10.28 -14.78
C LEU A 198 9.02 -9.67 -15.82
N ALA A 199 10.14 -10.34 -16.07
CA ALA A 199 11.11 -9.85 -17.03
C ALA A 199 10.47 -9.70 -18.41
N ASN A 200 9.68 -10.70 -18.80
CA ASN A 200 8.96 -10.63 -20.07
C ASN A 200 7.95 -9.49 -20.09
N THR A 201 7.30 -9.27 -18.96
CA THR A 201 6.28 -8.24 -18.85
C THR A 201 6.85 -6.83 -19.06
N VAL A 202 8.02 -6.57 -18.50
CA VAL A 202 8.69 -5.29 -18.68
C VAL A 202 9.05 -5.06 -20.16
N ARG A 203 9.61 -6.07 -20.81
CA ARG A 203 9.92 -5.96 -22.25
C ARG A 203 8.65 -5.74 -23.07
N TYR A 204 7.63 -6.54 -22.80
CA TYR A 204 6.33 -6.40 -23.45
C TYR A 204 5.86 -4.94 -23.38
N LEU A 205 5.90 -4.37 -22.18
CA LEU A 205 5.38 -3.04 -21.98
C LEU A 205 6.29 -2.00 -22.65
N GLN A 206 7.59 -2.23 -22.54
CA GLN A 206 8.56 -1.28 -23.07
C GLN A 206 8.55 -1.25 -24.59
N CYS A 207 8.16 -2.36 -25.21
CA CYS A 207 8.03 -2.43 -26.66
C CYS A 207 6.67 -1.94 -27.15
N GLY A 208 5.88 -1.39 -26.24
CA GLY A 208 4.61 -0.78 -26.60
C GLY A 208 3.40 -1.70 -26.53
N GLY A 209 3.56 -2.86 -25.89
CA GLY A 209 2.44 -3.77 -25.71
C GLY A 209 1.26 -3.19 -24.93
N SER A 210 0.05 -3.36 -25.45
CA SER A 210 -1.15 -2.91 -24.76
C SER A 210 -1.96 -4.10 -24.28
N TRP A 211 -2.00 -4.30 -22.98
CA TRP A 211 -2.66 -5.48 -22.44
C TRP A 211 -4.15 -5.55 -22.78
N ARG A 212 -4.82 -4.40 -22.81
CA ARG A 212 -6.24 -4.34 -23.16
C ARG A 212 -6.45 -4.76 -24.61
N GLU A 213 -5.52 -4.37 -25.47
CA GLU A 213 -5.56 -4.72 -26.88
C GLU A 213 -5.32 -6.20 -27.12
N ASP A 214 -4.40 -6.79 -26.35
CA ASP A 214 -4.01 -8.18 -26.58
C ASP A 214 -4.78 -9.17 -25.73
N TRP A 215 -5.62 -8.66 -24.83
CA TRP A 215 -6.33 -9.48 -23.86
C TRP A 215 -7.05 -10.70 -24.48
N GLY A 216 -7.78 -10.46 -25.57
CA GLY A 216 -8.50 -11.53 -26.25
C GLY A 216 -7.64 -12.71 -26.66
N GLN A 217 -6.36 -12.46 -26.90
CA GLN A 217 -5.44 -13.52 -27.32
C GLN A 217 -5.24 -14.61 -26.26
N LEU A 218 -5.48 -14.26 -24.99
CA LEU A 218 -5.38 -15.24 -23.92
C LEU A 218 -6.46 -16.33 -24.02
N SER A 219 -7.50 -16.05 -24.81
CA SER A 219 -8.60 -17.00 -24.95
C SER A 219 -8.72 -17.54 -26.37
N GLY A 220 -7.89 -17.03 -27.27
CA GLY A 220 -7.88 -17.45 -28.65
C GLY A 220 -6.52 -18.00 -29.06
N PRO A 236 7.23 -6.60 -32.36
CA PRO A 236 8.11 -7.66 -31.85
C PRO A 236 8.31 -7.54 -30.34
N ARG A 237 7.60 -8.38 -29.61
CA ARG A 237 7.55 -8.32 -28.17
C ARG A 237 7.02 -9.67 -27.72
N PRO A 238 7.09 -9.97 -26.42
CA PRO A 238 6.52 -11.26 -25.98
C PRO A 238 5.03 -11.36 -26.26
N HIS A 239 4.53 -12.58 -26.44
CA HIS A 239 3.10 -12.81 -26.48
C HIS A 239 2.57 -12.56 -25.08
N ILE A 240 1.38 -11.98 -24.99
CA ILE A 240 0.81 -11.62 -23.69
C ILE A 240 0.67 -12.85 -22.79
N GLY A 241 0.53 -14.01 -23.42
CA GLY A 241 0.47 -15.26 -22.69
C GLY A 241 1.75 -15.58 -21.93
N ASP A 242 2.84 -14.92 -22.33
CA ASP A 242 4.11 -15.09 -21.63
C ASP A 242 4.45 -13.87 -20.77
N THR A 243 3.43 -13.15 -20.31
CA THR A 243 3.66 -12.03 -19.40
C THR A 243 2.84 -12.27 -18.15
N LEU A 244 2.99 -11.40 -17.15
CA LEU A 244 2.24 -11.52 -15.91
C LEU A 244 0.74 -11.36 -16.12
N PHE A 245 0.36 -10.75 -17.23
CA PHE A 245 -1.06 -10.49 -17.45
C PHE A 245 -1.82 -11.80 -17.55
N THR A 246 -1.14 -12.85 -18.00
CA THR A 246 -1.81 -14.13 -18.15
C THR A 246 -2.30 -14.72 -16.82
N LEU A 247 -1.67 -14.37 -15.71
CA LEU A 247 -2.09 -14.88 -14.40
C LEU A 247 -3.47 -14.36 -14.00
N PHE A 248 -3.86 -13.22 -14.54
CA PHE A 248 -5.07 -12.56 -14.09
C PHE A 248 -6.25 -12.80 -15.01
N ARG A 249 -6.13 -13.86 -15.81
CA ARG A 249 -7.29 -14.44 -16.48
C ARG A 249 -7.84 -15.48 -15.52
N ALA A 250 -7.88 -15.12 -14.25
CA ALA A 250 -8.38 -15.97 -13.19
C ALA A 250 -9.88 -15.78 -13.07
N PRO A 251 -10.64 -16.88 -12.95
CA PRO A 251 -12.10 -16.83 -12.99
C PRO A 251 -12.69 -15.97 -11.87
N GLU A 252 -11.99 -15.89 -10.74
CA GLU A 252 -12.43 -15.00 -9.67
C GLU A 252 -12.60 -13.56 -10.14
N LEU A 253 -11.90 -13.20 -11.21
CA LEU A 253 -11.78 -11.79 -11.60
C LEU A 253 -12.73 -11.41 -12.73
N LEU A 254 -13.53 -12.37 -13.18
CA LEU A 254 -14.33 -12.20 -14.40
C LEU A 254 -15.83 -12.20 -14.14
N ALA A 255 -16.56 -11.42 -14.91
CA ALA A 255 -18.01 -11.38 -14.83
C ALA A 255 -18.59 -12.64 -15.48
N PRO A 256 -19.89 -12.92 -15.28
CA PRO A 256 -20.49 -14.08 -15.94
C PRO A 256 -20.30 -14.16 -17.45
N ASN A 257 -20.05 -13.03 -18.12
CA ASN A 257 -19.84 -13.06 -19.56
C ASN A 257 -18.38 -13.12 -19.96
N GLY A 258 -17.52 -13.31 -18.97
CA GLY A 258 -16.10 -13.49 -19.24
C GLY A 258 -15.28 -12.22 -19.21
N ASP A 259 -15.96 -11.07 -19.15
CA ASP A 259 -15.28 -9.78 -19.06
C ASP A 259 -14.58 -9.62 -17.71
N LEU A 260 -13.39 -9.03 -17.74
CA LEU A 260 -12.71 -8.63 -16.52
C LEU A 260 -13.52 -7.51 -15.88
N TYR A 261 -13.82 -7.62 -14.59
CA TYR A 261 -14.38 -6.48 -13.86
C TYR A 261 -13.43 -5.28 -13.96
N ASN A 262 -14.02 -4.08 -14.06
CA ASN A 262 -13.23 -2.86 -14.27
C ASN A 262 -12.25 -2.57 -13.15
N VAL A 263 -12.65 -2.88 -11.93
CA VAL A 263 -11.80 -2.69 -10.78
C VAL A 263 -10.48 -3.47 -10.92
N PHE A 264 -10.55 -4.66 -11.54
CA PHE A 264 -9.35 -5.48 -11.71
C PHE A 264 -8.59 -5.03 -12.95
N ALA A 265 -9.32 -4.56 -13.95
CA ALA A 265 -8.70 -3.99 -15.14
C ALA A 265 -7.88 -2.73 -14.79
N TRP A 266 -8.42 -1.90 -13.90
CA TRP A 266 -7.67 -0.73 -13.46
C TRP A 266 -6.40 -1.12 -12.71
N ALA A 267 -6.48 -2.19 -11.92
CA ALA A 267 -5.30 -2.69 -11.22
C ALA A 267 -4.24 -3.17 -12.21
N LEU A 268 -4.67 -3.77 -13.32
CA LEU A 268 -3.75 -4.14 -14.40
C LEU A 268 -3.19 -2.91 -15.09
N ASP A 269 -4.00 -1.87 -15.27
CA ASP A 269 -3.48 -0.59 -15.76
C ASP A 269 -2.36 -0.06 -14.85
N VAL A 270 -2.56 -0.20 -13.55
CA VAL A 270 -1.52 0.22 -12.61
C VAL A 270 -0.27 -0.65 -12.78
N LEU A 271 -0.48 -1.97 -12.84
CA LEU A 271 0.63 -2.91 -13.03
C LEU A 271 1.50 -2.46 -14.20
N ALA A 272 0.84 -2.18 -15.32
CA ALA A 272 1.51 -1.72 -16.54
C ALA A 272 2.31 -0.44 -16.31
N LYS A 273 1.71 0.51 -15.62
CA LYS A 273 2.37 1.80 -15.40
C LYS A 273 3.59 1.62 -14.51
N ARG A 274 3.45 0.87 -13.41
CA ARG A 274 4.59 0.67 -12.50
C ARG A 274 5.75 -0.04 -13.18
N LEU A 275 5.45 -1.06 -13.98
CA LEU A 275 6.49 -1.96 -14.51
C LEU A 275 7.22 -1.39 -15.72
N ARG A 276 6.51 -0.60 -16.52
CA ARG A 276 7.08 -0.15 -17.79
C ARG A 276 8.30 0.75 -17.63
N SER A 277 8.35 1.51 -16.56
CA SER A 277 9.45 2.45 -16.37
C SER A 277 10.57 1.88 -15.50
N MET A 278 10.49 0.59 -15.17
CA MET A 278 11.60 -0.04 -14.47
C MET A 278 12.70 -0.41 -15.46
N HIS A 279 13.94 -0.36 -14.99
CA HIS A 279 15.08 -0.73 -15.81
C HIS A 279 15.61 -2.06 -15.30
N VAL A 280 15.40 -3.11 -16.08
CA VAL A 280 15.73 -4.47 -15.65
C VAL A 280 17.12 -4.88 -16.14
N PHE A 281 17.86 -5.56 -15.28
CA PHE A 281 19.18 -6.07 -15.62
C PHE A 281 19.27 -7.51 -15.14
N ILE A 282 19.84 -8.38 -15.96
CA ILE A 282 19.92 -9.79 -15.61
C ILE A 282 21.32 -10.18 -15.16
N LEU A 283 21.41 -10.77 -13.98
CA LEU A 283 22.68 -11.18 -13.40
C LEU A 283 22.79 -12.70 -13.45
N ASP A 284 23.81 -13.19 -14.15
CA ASP A 284 24.05 -14.62 -14.25
C ASP A 284 24.67 -15.11 -12.95
N TYR A 285 23.93 -15.92 -12.19
CA TYR A 285 24.43 -16.43 -10.92
C TYR A 285 25.21 -17.74 -11.06
N ASP A 286 25.26 -18.28 -12.27
CA ASP A 286 25.92 -19.57 -12.51
C ASP A 286 27.42 -19.36 -12.65
N GLN A 287 28.03 -18.84 -11.59
CA GLN A 287 29.46 -18.62 -11.53
C GLN A 287 29.89 -18.41 -10.08
N SER A 288 31.18 -18.16 -9.87
CA SER A 288 31.74 -17.96 -8.54
C SER A 288 31.21 -16.67 -7.89
N PRO A 289 31.21 -16.62 -6.56
CA PRO A 289 30.78 -15.42 -5.82
C PRO A 289 31.52 -14.17 -6.29
N ALA A 290 32.81 -14.30 -6.58
CA ALA A 290 33.58 -13.16 -7.06
C ALA A 290 33.14 -12.82 -8.49
N GLY A 291 32.84 -13.85 -9.27
CA GLY A 291 32.34 -13.64 -10.62
C GLY A 291 31.00 -12.92 -10.60
N CYS A 292 30.15 -13.28 -9.65
CA CYS A 292 28.86 -12.61 -9.50
C CYS A 292 29.04 -11.15 -9.14
N ARG A 293 29.97 -10.89 -8.23
CA ARG A 293 30.25 -9.53 -7.80
C ARG A 293 30.73 -8.67 -8.96
N ASP A 294 31.62 -9.25 -9.76
CA ASP A 294 32.21 -8.53 -10.87
C ASP A 294 31.12 -8.24 -11.89
N ALA A 295 30.32 -9.25 -12.18
CA ALA A 295 29.19 -9.12 -13.10
C ALA A 295 28.25 -7.98 -12.68
N LEU A 296 27.94 -7.90 -11.39
CA LEU A 296 27.12 -6.81 -10.88
C LEU A 296 27.72 -5.42 -11.17
N LEU A 297 29.02 -5.27 -10.97
CA LEU A 297 29.69 -4.02 -11.31
C LEU A 297 29.65 -3.74 -12.81
N GLN A 298 29.83 -4.78 -13.61
CA GLN A 298 29.74 -4.66 -15.07
C GLN A 298 28.35 -4.11 -15.47
N LEU A 299 27.32 -4.60 -14.79
CA LEU A 299 25.94 -4.19 -15.06
C LEU A 299 25.67 -2.71 -14.76
N THR A 300 26.43 -2.13 -13.83
CA THR A 300 26.12 -0.78 -13.35
C THR A 300 26.33 0.31 -14.39
N SER A 301 27.17 0.05 -15.38
CA SER A 301 27.51 1.03 -16.41
CA SER A 301 27.50 1.04 -16.40
C SER A 301 26.30 1.37 -17.28
N GLY A 302 25.30 0.51 -17.27
CA GLY A 302 24.10 0.73 -18.05
C GLY A 302 22.91 1.14 -17.20
N MET A 303 23.14 1.30 -15.90
CA MET A 303 22.04 1.64 -14.99
C MET A 303 21.78 3.13 -14.97
N VAL A 304 20.58 3.53 -14.59
CA VAL A 304 20.17 4.90 -14.73
C VAL A 304 20.35 5.64 -13.41
N GLN A 305 21.07 6.75 -13.46
CA GLN A 305 21.32 7.58 -12.29
C GLN A 305 20.32 8.72 -12.24
N THR A 306 20.14 9.28 -11.05
CA THR A 306 19.26 10.42 -10.87
C THR A 306 19.97 11.50 -10.06
N HIS A 307 19.46 12.71 -10.11
CA HIS A 307 19.89 13.73 -9.16
C HIS A 307 19.12 13.48 -7.87
N VAL A 308 19.62 13.99 -6.76
CA VAL A 308 18.82 14.06 -5.55
C VAL A 308 18.17 15.44 -5.52
N THR A 309 17.30 15.69 -4.55
CA THR A 309 16.52 16.92 -4.54
C THR A 309 17.04 18.01 -3.62
N THR A 310 17.88 17.65 -2.65
CA THR A 310 18.48 18.63 -1.73
C THR A 310 19.96 18.32 -1.53
N PRO A 311 20.75 19.34 -1.10
CA PRO A 311 22.16 19.09 -0.79
C PRO A 311 22.31 18.21 0.43
N GLY A 312 21.29 18.16 1.29
CA GLY A 312 21.33 17.32 2.46
C GLY A 312 20.83 15.90 2.19
N SER A 313 20.35 15.65 0.98
CA SER A 313 19.80 14.33 0.63
C SER A 313 20.81 13.18 0.81
N ILE A 314 22.02 13.37 0.31
CA ILE A 314 23.02 12.29 0.34
C ILE A 314 23.32 11.81 1.76
N PRO A 315 23.69 12.72 2.68
CA PRO A 315 23.95 12.19 4.03
C PRO A 315 22.70 11.64 4.70
N THR A 316 21.53 12.19 4.37
CA THR A 316 20.29 11.64 4.92
C THR A 316 20.11 10.20 4.44
N ILE A 317 20.42 9.95 3.17
CA ILE A 317 20.30 8.61 2.60
C ILE A 317 21.24 7.61 3.26
N CYS A 318 22.52 7.96 3.38
CA CYS A 318 23.51 7.12 4.04
C CYS A 318 23.06 6.72 5.44
N ASP A 319 22.52 7.69 6.16
CA ASP A 319 22.06 7.50 7.52
C ASP A 319 20.92 6.48 7.58
N LEU A 320 19.94 6.66 6.71
CA LEU A 320 18.81 5.73 6.56
C LEU A 320 19.31 4.30 6.34
N ALA A 321 20.16 4.13 5.34
CA ALA A 321 20.65 2.81 4.98
C ALA A 321 21.46 2.17 6.10
N ARG A 322 22.31 2.94 6.76
CA ARG A 322 23.12 2.40 7.84
C ARG A 322 22.25 2.03 9.03
N THR A 323 21.27 2.89 9.33
CA THR A 323 20.34 2.63 10.42
C THR A 323 19.47 1.39 10.15
N PHE A 324 19.03 1.25 8.90
CA PHE A 324 18.26 0.09 8.45
C PHE A 324 19.10 -1.16 8.69
N ALA A 325 20.32 -1.14 8.15
CA ALA A 325 21.25 -2.26 8.26
C ALA A 325 21.47 -2.70 9.70
N ARG A 326 21.81 -1.73 10.54
CA ARG A 326 22.10 -1.98 11.95
C ARG A 326 20.90 -2.55 12.69
N GLU A 327 19.72 -2.02 12.42
CA GLU A 327 18.53 -2.43 13.15
C GLU A 327 17.90 -3.71 12.62
N MET A 328 17.84 -3.85 11.29
CA MET A 328 17.03 -4.93 10.74
C MET A 328 17.81 -6.00 10.00
N GLY A 329 19.00 -5.66 9.51
CA GLY A 329 19.88 -6.63 8.89
C GLY A 329 20.50 -7.52 9.95
N GLU A 330 21.19 -8.57 9.50
CA GLU A 330 21.85 -9.49 10.43
C GLU A 330 23.28 -9.04 10.73
N MET B 2 -5.94 25.42 -18.35
CA MET B 2 -6.51 24.09 -18.11
C MET B 2 -7.74 24.15 -17.21
N PRO B 3 -8.77 23.36 -17.53
CA PRO B 3 -9.99 23.29 -16.71
C PRO B 3 -9.71 22.80 -15.29
N THR B 4 -10.52 23.23 -14.33
CA THR B 4 -10.25 22.92 -12.93
C THR B 4 -11.12 21.80 -12.38
N LEU B 5 -10.61 21.16 -11.33
CA LEU B 5 -11.29 20.05 -10.68
C LEU B 5 -11.39 20.29 -9.19
N LEU B 6 -12.55 19.98 -8.63
CA LEU B 6 -12.70 19.95 -7.19
C LEU B 6 -12.97 18.52 -6.74
N ARG B 7 -12.03 17.96 -5.99
CA ARG B 7 -12.19 16.64 -5.41
C ARG B 7 -12.53 16.74 -3.93
N VAL B 8 -13.55 16.01 -3.51
CA VAL B 8 -14.02 16.04 -2.13
C VAL B 8 -14.27 14.62 -1.64
N TYR B 9 -13.54 14.22 -0.60
CA TYR B 9 -13.70 12.90 0.00
C TYR B 9 -14.53 13.00 1.26
N ILE B 10 -15.73 12.40 1.24
CA ILE B 10 -16.57 12.39 2.43
C ILE B 10 -16.19 11.19 3.26
N ASP B 11 -15.69 11.44 4.46
CA ASP B 11 -15.13 10.35 5.25
C ASP B 11 -15.61 10.48 6.69
N GLY B 12 -14.87 9.91 7.63
CA GLY B 12 -15.29 9.94 9.02
C GLY B 12 -15.94 8.64 9.40
N PRO B 13 -16.36 8.50 10.67
CA PRO B 13 -16.96 7.25 11.12
C PRO B 13 -18.26 6.95 10.37
N HIS B 14 -18.59 5.67 10.25
CA HIS B 14 -19.83 5.28 9.59
C HIS B 14 -21.00 5.48 10.55
N GLY B 15 -22.20 5.60 10.00
CA GLY B 15 -23.40 5.68 10.80
C GLY B 15 -23.86 7.09 11.11
N MET B 16 -23.21 8.09 10.53
CA MET B 16 -23.53 9.49 10.88
C MET B 16 -24.48 10.18 9.91
N GLY B 17 -24.68 9.59 8.72
CA GLY B 17 -25.48 10.24 7.69
C GLY B 17 -24.64 10.71 6.51
N LYS B 18 -23.43 10.16 6.40
CA LYS B 18 -22.48 10.42 5.30
C LYS B 18 -23.13 10.27 3.92
N THR B 19 -23.71 9.11 3.68
CA THR B 19 -24.25 8.76 2.37
C THR B 19 -25.42 9.63 1.92
N THR B 20 -26.43 9.73 2.78
CA THR B 20 -27.59 10.57 2.50
C THR B 20 -27.16 11.98 2.12
N THR B 21 -26.26 12.54 2.93
CA THR B 21 -25.83 13.92 2.75
C THR B 21 -25.17 14.09 1.40
N THR B 22 -24.30 13.14 1.08
CA THR B 22 -23.57 13.14 -0.17
C THR B 22 -24.49 13.08 -1.37
N GLN B 23 -25.40 12.13 -1.37
CA GLN B 23 -26.34 11.93 -2.49
C GLN B 23 -27.19 13.17 -2.70
N LEU B 24 -27.54 13.83 -1.59
CA LEU B 24 -28.39 15.02 -1.68
C LEU B 24 -27.63 16.14 -2.37
N LEU B 25 -26.32 16.17 -2.17
CA LEU B 25 -25.49 17.21 -2.76
C LEU B 25 -25.33 16.96 -4.25
N VAL B 26 -25.13 15.70 -4.60
CA VAL B 26 -24.99 15.31 -6.00
C VAL B 26 -26.31 15.58 -6.73
N ALA B 27 -27.42 15.45 -6.01
CA ALA B 27 -28.74 15.65 -6.60
C ALA B 27 -28.98 17.09 -7.01
N LEU B 28 -28.16 18.01 -6.49
CA LEU B 28 -28.29 19.43 -6.80
C LEU B 28 -27.64 19.77 -8.15
N GLY B 29 -26.62 19.02 -8.54
CA GLY B 29 -25.96 19.24 -9.81
C GLY B 29 -26.80 18.71 -10.95
N SER B 30 -26.25 18.70 -12.16
CA SER B 30 -26.98 18.18 -13.29
C SER B 30 -26.50 16.78 -13.71
N ARG B 31 -25.32 16.73 -14.31
CA ARG B 31 -24.73 15.47 -14.75
C ARG B 31 -23.30 15.70 -15.17
N ASP B 32 -23.12 16.72 -16.01
CA ASP B 32 -21.78 17.10 -16.44
C ASP B 32 -21.07 17.92 -15.37
N ASP B 33 -21.78 18.24 -14.29
CA ASP B 33 -21.27 19.16 -13.28
C ASP B 33 -20.54 18.45 -12.14
N ILE B 34 -21.13 17.36 -11.67
CA ILE B 34 -20.65 16.68 -10.47
C ILE B 34 -20.83 15.18 -10.64
N VAL B 35 -19.83 14.41 -10.22
CA VAL B 35 -19.97 12.96 -10.19
C VAL B 35 -19.59 12.39 -8.82
N TYR B 36 -20.22 11.26 -8.49
CA TYR B 36 -20.10 10.60 -7.20
C TYR B 36 -19.42 9.23 -7.39
N VAL B 37 -18.35 9.00 -6.64
CA VAL B 37 -17.72 7.69 -6.55
C VAL B 37 -18.18 7.05 -5.24
N PRO B 38 -19.18 6.17 -5.33
CA PRO B 38 -19.95 5.71 -4.18
C PRO B 38 -19.25 4.61 -3.39
N GLU B 39 -19.87 4.19 -2.31
CA GLU B 39 -19.36 3.11 -1.49
C GLU B 39 -19.35 1.83 -2.34
N PRO B 40 -18.19 1.15 -2.41
CA PRO B 40 -18.05 -0.05 -3.26
C PRO B 40 -18.53 -1.31 -2.57
N MET B 41 -19.79 -1.34 -2.15
CA MET B 41 -20.31 -2.48 -1.39
CA MET B 41 -20.33 -2.46 -1.38
C MET B 41 -20.30 -3.78 -2.18
N THR B 42 -20.48 -3.68 -3.49
CA THR B 42 -20.45 -4.88 -4.33
C THR B 42 -19.04 -5.48 -4.33
N TYR B 43 -18.01 -4.63 -4.29
CA TYR B 43 -16.65 -5.16 -4.16
C TYR B 43 -16.51 -5.93 -2.86
N TRP B 44 -17.00 -5.32 -1.78
CA TRP B 44 -16.87 -5.88 -0.44
C TRP B 44 -17.66 -7.16 -0.23
N ARG B 45 -18.86 -7.23 -0.82
CA ARG B 45 -19.72 -8.39 -0.58
C ARG B 45 -19.48 -9.54 -1.54
N VAL B 46 -19.02 -9.23 -2.75
CA VAL B 46 -18.91 -10.24 -3.81
C VAL B 46 -17.60 -10.27 -4.59
N LEU B 47 -17.20 -9.13 -5.15
CA LEU B 47 -16.13 -9.14 -6.15
C LEU B 47 -14.77 -9.43 -5.55
N GLY B 48 -14.47 -8.81 -4.41
CA GLY B 48 -13.17 -8.96 -3.78
C GLY B 48 -13.10 -10.18 -2.90
N ALA B 49 -14.19 -10.45 -2.19
CA ALA B 49 -14.27 -11.58 -1.29
C ALA B 49 -15.74 -11.72 -0.99
N SER B 50 -16.11 -12.72 -0.21
CA SER B 50 -17.52 -12.91 0.12
C SER B 50 -17.88 -12.33 1.48
N GLU B 51 -18.81 -11.37 1.45
CA GLU B 51 -19.34 -10.74 2.65
C GLU B 51 -18.23 -10.29 3.62
N THR B 52 -17.41 -9.35 3.17
CA THR B 52 -16.25 -8.90 3.94
C THR B 52 -16.65 -8.21 5.25
N ILE B 53 -17.71 -7.40 5.20
CA ILE B 53 -18.17 -6.71 6.40
C ILE B 53 -18.67 -7.72 7.44
N ALA B 54 -19.35 -8.76 6.97
CA ALA B 54 -19.81 -9.84 7.84
C ALA B 54 -18.64 -10.53 8.54
N ASN B 55 -17.63 -10.85 7.73
CA ASN B 55 -16.41 -11.47 8.23
C ASN B 55 -15.72 -10.63 9.31
N ILE B 56 -15.62 -9.33 9.09
CA ILE B 56 -14.99 -8.43 10.05
C ILE B 56 -15.75 -8.45 11.38
N TYR B 57 -17.06 -8.25 11.32
CA TYR B 57 -17.84 -8.21 12.55
C TYR B 57 -17.97 -9.56 13.25
N THR B 58 -18.03 -10.64 12.48
CA THR B 58 -18.08 -11.98 13.06
C THR B 58 -16.76 -12.32 13.78
N THR B 59 -15.64 -11.96 13.13
CA THR B 59 -14.31 -12.14 13.72
C THR B 59 -14.12 -11.38 15.04
N GLN B 60 -14.51 -10.11 15.09
CA GLN B 60 -14.39 -9.35 16.33
C GLN B 60 -15.22 -10.00 17.43
N HIS B 61 -16.42 -10.45 17.05
CA HIS B 61 -17.33 -11.07 17.99
C HIS B 61 -16.69 -12.32 18.58
N ARG B 62 -16.18 -13.18 17.71
CA ARG B 62 -15.59 -14.43 18.16
C ARG B 62 -14.37 -14.17 19.02
N LEU B 63 -13.67 -13.08 18.76
CA LEU B 63 -12.52 -12.69 19.58
C LEU B 63 -13.00 -12.32 20.97
N ASP B 64 -13.99 -11.43 21.03
CA ASP B 64 -14.53 -10.97 22.30
C ASP B 64 -15.02 -12.14 23.16
N GLN B 65 -15.59 -13.14 22.51
CA GLN B 65 -16.10 -14.32 23.19
C GLN B 65 -14.99 -15.32 23.52
N GLY B 66 -13.80 -15.06 22.98
CA GLY B 66 -12.66 -15.93 23.25
C GLY B 66 -12.73 -17.25 22.52
N GLU B 67 -13.43 -17.27 21.39
CA GLU B 67 -13.54 -18.48 20.58
C GLU B 67 -12.35 -18.62 19.63
N ILE B 68 -11.68 -17.50 19.38
CA ILE B 68 -10.47 -17.46 18.56
C ILE B 68 -9.46 -16.59 19.26
N SER B 69 -8.19 -16.71 18.88
CA SER B 69 -7.11 -15.97 19.54
C SER B 69 -6.89 -14.62 18.87
N ALA B 70 -6.07 -13.80 19.51
CA ALA B 70 -5.75 -12.47 19.00
C ALA B 70 -5.04 -12.57 17.65
N GLY B 71 -4.12 -13.53 17.55
CA GLY B 71 -3.38 -13.74 16.31
C GLY B 71 -4.31 -14.15 15.19
N ASP B 72 -5.22 -15.07 15.48
CA ASP B 72 -6.17 -15.53 14.49
C ASP B 72 -7.06 -14.37 14.02
N ALA B 73 -7.50 -13.53 14.95
CA ALA B 73 -8.35 -12.40 14.59
C ALA B 73 -7.56 -11.43 13.71
N ALA B 74 -6.32 -11.16 14.10
CA ALA B 74 -5.45 -10.23 13.38
C ALA B 74 -5.16 -10.62 11.93
N VAL B 75 -4.97 -11.91 11.66
CA VAL B 75 -4.70 -12.29 10.27
C VAL B 75 -5.95 -12.06 9.43
N VAL B 76 -7.13 -12.29 10.02
CA VAL B 76 -8.38 -12.11 9.30
C VAL B 76 -8.65 -10.62 9.09
N MET B 77 -8.46 -9.82 10.15
CA MET B 77 -8.72 -8.39 10.08
C MET B 77 -7.81 -7.72 9.07
N THR B 78 -6.53 -8.09 9.09
CA THR B 78 -5.55 -7.52 8.17
C THR B 78 -5.91 -7.83 6.73
N SER B 79 -6.24 -9.10 6.45
CA SER B 79 -6.66 -9.50 5.10
C SER B 79 -7.94 -8.82 4.69
N ALA B 80 -8.88 -8.74 5.61
CA ALA B 80 -10.17 -8.07 5.34
C ALA B 80 -9.96 -6.60 5.01
N GLN B 81 -9.04 -5.94 5.71
CA GLN B 81 -8.85 -4.51 5.48
C GLN B 81 -8.23 -4.25 4.11
N ILE B 82 -7.40 -5.18 3.65
CA ILE B 82 -6.87 -5.09 2.29
C ILE B 82 -8.01 -5.12 1.26
N THR B 83 -8.98 -5.99 1.48
CA THR B 83 -10.09 -6.09 0.54
C THR B 83 -10.94 -4.83 0.63
N MET B 84 -11.16 -4.37 1.85
CA MET B 84 -11.91 -3.13 2.05
C MET B 84 -11.26 -1.98 1.29
N GLY B 85 -9.93 -1.88 1.35
CA GLY B 85 -9.25 -0.73 0.80
C GLY B 85 -9.05 -0.74 -0.70
N MET B 86 -9.14 -1.91 -1.31
CA MET B 86 -8.77 -2.06 -2.72
C MET B 86 -9.42 -1.05 -3.69
N PRO B 87 -10.76 -0.88 -3.63
CA PRO B 87 -11.34 0.07 -4.60
C PRO B 87 -10.84 1.52 -4.42
N TYR B 88 -10.59 1.93 -3.17
CA TYR B 88 -10.11 3.29 -2.93
C TYR B 88 -8.71 3.42 -3.53
N ALA B 89 -7.89 2.41 -3.27
CA ALA B 89 -6.51 2.43 -3.74
C ALA B 89 -6.39 2.46 -5.28
N VAL B 90 -7.13 1.61 -5.99
CA VAL B 90 -7.05 1.63 -7.46
C VAL B 90 -7.58 2.94 -8.02
N THR B 91 -8.66 3.45 -7.42
CA THR B 91 -9.21 4.72 -7.85
C THR B 91 -8.20 5.85 -7.74
N ASP B 92 -7.50 5.90 -6.62
CA ASP B 92 -6.43 6.89 -6.45
C ASP B 92 -5.31 6.73 -7.49
N ALA B 93 -4.90 5.50 -7.75
CA ALA B 93 -3.77 5.30 -8.65
C ALA B 93 -4.09 5.69 -10.09
N VAL B 94 -5.31 5.43 -10.54
CA VAL B 94 -5.68 5.78 -11.92
C VAL B 94 -5.98 7.27 -12.06
N LEU B 95 -6.42 7.89 -10.97
CA LEU B 95 -6.74 9.31 -10.96
C LEU B 95 -5.47 10.15 -10.98
N ALA B 96 -4.46 9.69 -10.24
CA ALA B 96 -3.24 10.48 -9.97
C ALA B 96 -2.63 11.24 -11.15
N PRO B 97 -2.42 10.58 -12.31
CA PRO B 97 -1.77 11.29 -13.42
C PRO B 97 -2.63 12.41 -14.02
N HIS B 98 -3.92 12.42 -13.69
CA HIS B 98 -4.82 13.43 -14.22
C HIS B 98 -4.84 14.70 -13.38
N ILE B 99 -4.24 14.65 -12.18
CA ILE B 99 -4.32 15.76 -11.24
C ILE B 99 -3.14 16.71 -11.39
N GLY B 100 -3.42 17.98 -11.60
CA GLY B 100 -2.36 18.99 -11.71
C GLY B 100 -2.15 19.76 -10.43
N GLY B 101 -1.51 20.93 -10.54
CA GLY B 101 -1.25 21.76 -9.38
C GLY B 101 -2.50 22.45 -8.87
N GLU B 102 -2.47 22.89 -7.61
CA GLU B 102 -3.61 23.56 -7.01
C GLU B 102 -3.92 24.88 -7.75
N ALA B 103 -5.20 25.21 -7.83
CA ALA B 103 -5.64 26.37 -8.61
C ALA B 103 -6.01 27.58 -7.74
N PRO B 109 -14.24 30.93 -8.36
CA PRO B 109 -14.39 30.54 -9.77
C PRO B 109 -14.79 29.06 -9.89
N PRO B 110 -15.96 28.78 -10.47
CA PRO B 110 -16.57 27.45 -10.47
C PRO B 110 -15.72 26.39 -11.18
N PRO B 111 -15.58 25.21 -10.56
CA PRO B 111 -14.79 24.13 -11.15
C PRO B 111 -15.55 23.48 -12.31
N ALA B 112 -14.82 23.04 -13.33
CA ALA B 112 -15.41 22.39 -14.49
C ALA B 112 -16.08 21.08 -14.06
N LEU B 113 -15.53 20.46 -13.03
CA LEU B 113 -16.02 19.18 -12.54
C LEU B 113 -15.83 19.08 -11.02
N THR B 114 -16.85 18.58 -10.36
CA THR B 114 -16.72 18.26 -8.95
C THR B 114 -16.82 16.74 -8.79
N LEU B 115 -15.79 16.16 -8.18
CA LEU B 115 -15.72 14.73 -7.98
C LEU B 115 -15.85 14.44 -6.50
N ILE B 116 -16.96 13.83 -6.11
CA ILE B 116 -17.22 13.49 -4.71
C ILE B 116 -17.00 12.00 -4.47
N PHE B 117 -16.21 11.68 -3.44
CA PHE B 117 -15.90 10.29 -3.08
C PHE B 117 -16.61 9.88 -1.82
N ASP B 118 -17.10 8.65 -1.80
CA ASP B 118 -17.45 8.01 -0.55
C ASP B 118 -16.16 7.42 0.03
N ARG B 119 -15.52 8.18 0.90
CA ARG B 119 -14.27 7.81 1.58
C ARG B 119 -12.95 8.03 0.82
N HIS B 120 -11.88 8.15 1.61
CA HIS B 120 -10.52 8.28 1.13
C HIS B 120 -9.78 7.00 1.50
N PRO B 121 -8.69 6.67 0.78
CA PRO B 121 -7.87 5.50 1.16
C PRO B 121 -7.48 5.39 2.64
N ILE B 122 -7.24 6.52 3.33
CA ILE B 122 -6.86 6.45 4.74
C ILE B 122 -7.92 5.79 5.60
N ALA B 123 -9.17 5.79 5.12
CA ALA B 123 -10.22 5.12 5.86
C ALA B 123 -9.87 3.66 6.08
N ALA B 124 -9.42 2.99 5.03
CA ALA B 124 -9.18 1.54 5.09
C ALA B 124 -7.72 1.18 5.40
N LEU B 125 -6.81 2.13 5.19
CA LEU B 125 -5.39 1.91 5.47
C LEU B 125 -4.99 2.42 6.86
N LEU B 126 -5.71 3.41 7.39
CA LEU B 126 -5.29 4.00 8.65
C LEU B 126 -6.35 3.95 9.73
N CYS B 127 -7.55 4.47 9.43
CA CYS B 127 -8.55 4.70 10.47
C CYS B 127 -9.18 3.44 11.02
N TYR B 128 -9.82 2.64 10.16
CA TYR B 128 -10.38 1.38 10.62
C TYR B 128 -9.31 0.41 11.19
N PRO B 129 -8.13 0.32 10.58
CA PRO B 129 -7.11 -0.51 11.22
C PRO B 129 -6.68 0.00 12.60
N ALA B 130 -6.53 1.32 12.76
CA ALA B 130 -6.16 1.83 14.06
C ALA B 130 -7.24 1.52 15.09
N ALA B 131 -8.52 1.60 14.69
CA ALA B 131 -9.60 1.24 15.60
C ALA B 131 -9.59 -0.25 15.95
N ARG B 132 -9.35 -1.10 14.97
CA ARG B 132 -9.25 -2.53 15.23
C ARG B 132 -8.08 -2.84 16.16
N TYR B 133 -6.99 -2.09 16.00
CA TYR B 133 -5.87 -2.20 16.94
C TYR B 133 -6.32 -1.87 18.37
N LEU B 134 -7.07 -0.79 18.50
CA LEU B 134 -7.65 -0.42 19.79
C LEU B 134 -8.60 -1.51 20.30
N MET B 135 -9.24 -2.24 19.37
CA MET B 135 -10.13 -3.34 19.74
C MET B 135 -9.39 -4.66 19.96
N GLY B 136 -8.07 -4.63 19.82
CA GLY B 136 -7.24 -5.81 20.05
C GLY B 136 -7.21 -6.83 18.94
N SER B 137 -7.75 -6.47 17.76
CA SER B 137 -7.85 -7.44 16.69
C SER B 137 -6.93 -7.13 15.50
N MET B 138 -6.00 -6.21 15.71
CA MET B 138 -4.92 -5.93 14.76
C MET B 138 -3.66 -5.55 15.54
N THR B 139 -2.50 -5.90 15.01
CA THR B 139 -1.24 -5.51 15.66
C THR B 139 -0.84 -4.08 15.27
N PRO B 140 -0.08 -3.40 16.12
CA PRO B 140 0.31 -2.06 15.69
C PRO B 140 1.32 -2.09 14.54
N GLN B 141 2.11 -3.16 14.43
CA GLN B 141 3.03 -3.28 13.31
C GLN B 141 2.26 -3.34 11.99
N ALA B 142 1.13 -4.03 11.99
CA ALA B 142 0.34 -4.14 10.78
C ALA B 142 -0.30 -2.80 10.42
N VAL B 143 -0.81 -2.09 11.42
CA VAL B 143 -1.32 -0.75 11.17
C VAL B 143 -0.25 0.12 10.52
N LEU B 144 0.97 0.07 11.03
CA LEU B 144 2.03 0.92 10.51
C LEU B 144 2.45 0.51 9.11
N ALA B 145 2.42 -0.79 8.83
CA ALA B 145 2.62 -1.28 7.46
C ALA B 145 1.59 -0.68 6.49
N PHE B 146 0.32 -0.71 6.86
CA PHE B 146 -0.72 -0.04 6.09
C PHE B 146 -0.40 1.46 5.92
N VAL B 147 0.06 2.09 7.00
CA VAL B 147 0.40 3.52 6.93
C VAL B 147 1.48 3.77 5.89
N ALA B 148 2.49 2.90 5.86
CA ALA B 148 3.60 3.09 4.94
C ALA B 148 3.13 2.95 3.50
N LEU B 149 1.96 2.32 3.31
CA LEU B 149 1.42 2.10 1.98
C LEU B 149 0.36 3.14 1.55
N ILE B 150 0.05 4.09 2.41
CA ILE B 150 -0.83 5.19 2.02
C ILE B 150 -0.22 5.90 0.81
N PRO B 151 -1.00 6.01 -0.28
CA PRO B 151 -0.46 6.65 -1.48
C PRO B 151 -0.15 8.12 -1.24
N PRO B 152 0.77 8.70 -2.04
CA PRO B 152 1.13 10.10 -1.89
C PRO B 152 -0.11 10.98 -2.00
N THR B 153 -0.17 12.02 -1.18
CA THR B 153 -1.34 12.89 -1.14
C THR B 153 -1.36 13.86 -2.30
N LEU B 154 -2.31 13.67 -3.21
CA LEU B 154 -2.46 14.54 -4.35
C LEU B 154 -2.85 15.94 -3.88
N PRO B 155 -2.40 16.98 -4.60
CA PRO B 155 -2.88 18.32 -4.28
C PRO B 155 -4.41 18.40 -4.39
N GLY B 156 -4.99 19.31 -3.63
CA GLY B 156 -6.43 19.50 -3.64
C GLY B 156 -7.16 18.33 -2.99
N THR B 157 -6.49 17.67 -2.06
CA THR B 157 -7.14 16.61 -1.30
C THR B 157 -7.95 17.20 -0.16
N ASN B 158 -9.23 17.44 -0.44
CA ASN B 158 -10.16 17.94 0.56
C ASN B 158 -10.88 16.78 1.21
N ILE B 159 -10.82 16.70 2.54
CA ILE B 159 -11.49 15.64 3.27
C ILE B 159 -12.47 16.19 4.29
N VAL B 160 -13.69 15.66 4.28
CA VAL B 160 -14.73 16.06 5.21
C VAL B 160 -14.96 14.99 6.25
N LEU B 161 -14.69 15.33 7.51
CA LEU B 161 -14.94 14.42 8.62
C LEU B 161 -16.21 14.84 9.35
N GLY B 162 -16.85 13.90 10.03
CA GLY B 162 -18.12 14.20 10.68
C GLY B 162 -18.03 14.49 12.16
N ALA B 163 -18.92 15.37 12.63
CA ALA B 163 -19.12 15.59 14.05
C ALA B 163 -20.57 15.27 14.41
N LEU B 164 -20.76 14.56 15.52
CA LEU B 164 -22.07 14.11 15.96
C LEU B 164 -21.96 13.64 17.40
N PRO B 165 -22.87 14.10 18.28
CA PRO B 165 -22.87 13.62 19.66
C PRO B 165 -22.96 12.09 19.72
N GLU B 166 -22.26 11.49 20.67
CA GLU B 166 -22.17 10.04 20.75
C GLU B 166 -23.54 9.36 20.95
N ASP B 167 -24.41 10.02 21.70
CA ASP B 167 -25.77 9.52 21.92
C ASP B 167 -26.55 9.45 20.61
N ARG B 168 -26.52 10.54 19.85
CA ARG B 168 -27.21 10.58 18.57
C ARG B 168 -26.56 9.62 17.59
N HIS B 169 -25.24 9.48 17.68
CA HIS B 169 -24.51 8.55 16.81
C HIS B 169 -24.91 7.11 17.06
N ILE B 170 -24.94 6.70 18.32
CA ILE B 170 -25.35 5.35 18.68
C ILE B 170 -26.75 5.04 18.15
N ASP B 171 -27.65 6.00 18.30
CA ASP B 171 -29.02 5.86 17.79
C ASP B 171 -29.07 5.77 16.27
N ARG B 172 -28.38 6.65 15.57
CA ARG B 172 -28.39 6.60 14.11
C ARG B 172 -27.79 5.30 13.60
N LEU B 173 -26.71 4.87 14.25
CA LEU B 173 -25.99 3.68 13.82
C LEU B 173 -26.84 2.42 13.95
N ALA B 174 -27.59 2.31 15.04
CA ALA B 174 -28.44 1.15 15.27
C ALA B 174 -29.50 1.00 14.18
N LYS B 175 -29.78 2.11 13.49
CA LYS B 175 -30.84 2.13 12.49
C LYS B 175 -30.33 1.92 11.07
N ARG B 176 -29.01 1.98 10.87
CA ARG B 176 -28.47 1.69 9.55
C ARG B 176 -27.31 0.71 9.52
N GLN B 177 -27.47 -0.41 10.21
CA GLN B 177 -26.54 -1.51 10.12
C GLN B 177 -26.41 -1.95 8.66
N ARG B 178 -25.17 -2.19 8.23
CA ARG B 178 -24.89 -2.69 6.89
C ARG B 178 -24.98 -4.24 6.86
N PRO B 179 -25.04 -4.84 5.65
CA PRO B 179 -25.13 -6.31 5.65
C PRO B 179 -23.93 -6.96 6.31
N GLY B 180 -24.19 -7.78 7.32
CA GLY B 180 -23.14 -8.45 8.06
C GLY B 180 -22.69 -7.71 9.31
N GLU B 181 -23.12 -6.46 9.44
CA GLU B 181 -22.70 -5.65 10.58
C GLU B 181 -23.36 -6.08 11.88
N ARG B 182 -22.61 -6.00 12.99
CA ARG B 182 -23.18 -6.16 14.32
C ARG B 182 -23.02 -4.85 15.09
N LEU B 183 -23.89 -4.63 16.09
CA LEU B 183 -23.88 -3.38 16.83
C LEU B 183 -22.82 -3.32 17.94
N ASP B 184 -21.58 -3.06 17.54
CA ASP B 184 -20.48 -3.01 18.49
C ASP B 184 -20.20 -1.57 18.88
N LEU B 185 -20.61 -1.20 20.10
CA LEU B 185 -20.44 0.15 20.59
C LEU B 185 -19.01 0.45 21.04
N ALA B 186 -18.25 -0.60 21.34
CA ALA B 186 -16.83 -0.44 21.68
C ALA B 186 -16.09 -0.05 20.41
N MET B 187 -16.47 -0.67 19.31
CA MET B 187 -15.89 -0.37 18.02
C MET B 187 -16.31 1.03 17.57
N LEU B 188 -17.56 1.40 17.87
CA LEU B 188 -18.03 2.74 17.56
C LEU B 188 -17.22 3.78 18.34
N ALA B 189 -16.99 3.52 19.62
CA ALA B 189 -16.14 4.38 20.45
C ALA B 189 -14.73 4.47 19.88
N ALA B 190 -14.18 3.33 19.49
CA ALA B 190 -12.83 3.28 18.92
C ALA B 190 -12.74 4.10 17.63
N ILE B 191 -13.72 3.92 16.73
CA ILE B 191 -13.66 4.61 15.45
C ILE B 191 -13.90 6.11 15.60
N ARG B 192 -14.80 6.51 16.51
CA ARG B 192 -15.01 7.91 16.82
C ARG B 192 -13.72 8.51 17.39
N ARG B 193 -13.08 7.79 18.29
CA ARG B 193 -11.82 8.27 18.86
C ARG B 193 -10.74 8.43 17.80
N VAL B 194 -10.57 7.42 16.95
CA VAL B 194 -9.57 7.48 15.90
C VAL B 194 -9.76 8.68 14.95
N TYR B 195 -10.99 8.94 14.53
CA TYR B 195 -11.25 10.08 13.66
C TYR B 195 -11.08 11.43 14.37
N GLY B 196 -11.35 11.46 15.67
CA GLY B 196 -11.06 12.66 16.45
C GLY B 196 -9.56 12.94 16.46
N LEU B 197 -8.77 11.89 16.73
CA LEU B 197 -7.32 11.99 16.71
C LEU B 197 -6.83 12.43 15.35
N LEU B 198 -7.43 11.88 14.29
CA LEU B 198 -7.06 12.23 12.92
C LEU B 198 -7.19 13.74 12.64
N ALA B 199 -8.32 14.32 13.01
CA ALA B 199 -8.52 15.75 12.82
C ALA B 199 -7.46 16.55 13.60
N ASN B 200 -7.21 16.14 14.84
CA ASN B 200 -6.20 16.82 15.66
C ASN B 200 -4.81 16.68 15.06
N THR B 201 -4.57 15.55 14.39
CA THR B 201 -3.25 15.28 13.82
C THR B 201 -2.98 16.22 12.66
N VAL B 202 -3.98 16.39 11.81
CA VAL B 202 -3.84 17.29 10.67
C VAL B 202 -3.60 18.72 11.17
N ARG B 203 -4.34 19.13 12.19
CA ARG B 203 -4.17 20.48 12.72
C ARG B 203 -2.78 20.64 13.36
N TYR B 204 -2.36 19.63 14.13
CA TYR B 204 -1.05 19.60 14.74
C TYR B 204 0.06 19.79 13.71
N LEU B 205 -0.03 19.06 12.61
CA LEU B 205 0.99 19.12 11.56
C LEU B 205 1.00 20.47 10.87
N GLN B 206 -0.18 21.00 10.59
CA GLN B 206 -0.29 22.24 9.86
C GLN B 206 0.07 23.44 10.76
N CYS B 207 0.05 23.24 12.07
CA CYS B 207 0.53 24.25 13.01
C CYS B 207 2.01 24.12 13.27
N GLY B 208 2.68 23.23 12.55
CA GLY B 208 4.12 23.11 12.65
C GLY B 208 4.63 22.08 13.64
N GLY B 209 3.74 21.21 14.11
CA GLY B 209 4.11 20.16 15.05
C GLY B 209 5.09 19.17 14.44
N SER B 210 6.09 18.78 15.23
CA SER B 210 7.07 17.80 14.80
C SER B 210 7.02 16.65 15.79
N TRP B 211 6.54 15.50 15.34
CA TRP B 211 6.24 14.42 16.28
C TRP B 211 7.50 13.96 17.00
N ARG B 212 8.63 13.98 16.30
CA ARG B 212 9.90 13.56 16.89
C ARG B 212 10.31 14.50 18.01
N GLU B 213 9.97 15.78 17.88
CA GLU B 213 10.35 16.73 18.92
C GLU B 213 9.50 16.55 20.17
N ASP B 214 8.24 16.20 19.97
CA ASP B 214 7.29 16.09 21.08
C ASP B 214 7.10 14.67 21.58
N TRP B 215 7.79 13.69 20.98
CA TRP B 215 7.61 12.28 21.34
C TRP B 215 7.68 12.05 22.85
N GLY B 216 8.67 12.65 23.49
CA GLY B 216 8.86 12.48 24.91
C GLY B 216 7.76 13.05 25.80
N GLN B 217 6.86 13.85 25.22
CA GLN B 217 5.74 14.39 25.97
C GLN B 217 4.60 13.39 26.17
N LEU B 218 4.72 12.23 25.54
CA LEU B 218 3.68 11.20 25.63
C LEU B 218 3.78 10.37 26.91
N SER B 219 2.63 10.13 27.53
CA SER B 219 2.47 9.13 28.60
C SER B 219 1.01 9.04 29.04
N GLY B 220 0.55 7.82 29.33
CA GLY B 220 -0.82 7.60 29.80
C GLY B 220 -1.88 7.94 28.77
N PRO B 230 -12.75 18.12 19.00
CA PRO B 230 -11.76 18.06 17.91
C PRO B 230 -12.14 18.93 16.73
N GLN B 231 -11.12 19.44 16.05
CA GLN B 231 -11.31 20.30 14.88
C GLN B 231 -9.98 20.47 14.18
N SER B 232 -10.01 20.60 12.86
CA SER B 232 -8.83 21.08 12.16
CA SER B 232 -8.85 21.07 12.13
C SER B 232 -9.11 22.46 11.61
N ASN B 233 -8.38 22.85 10.56
CA ASN B 233 -8.47 24.15 9.92
C ASN B 233 -8.85 25.35 10.83
N ALA B 234 -8.70 25.18 12.14
CA ALA B 234 -8.98 26.20 13.15
C ALA B 234 -8.48 25.72 14.51
N GLY B 235 -8.28 26.66 15.42
CA GLY B 235 -7.90 26.32 16.78
C GLY B 235 -6.39 26.33 16.96
N PRO B 236 -5.95 26.17 18.21
CA PRO B 236 -4.52 26.19 18.50
C PRO B 236 -3.88 24.81 18.22
N ARG B 237 -2.57 24.70 18.33
CA ARG B 237 -1.91 23.40 18.13
C ARG B 237 -2.26 22.42 19.25
N PRO B 238 -2.78 21.25 18.87
CA PRO B 238 -3.08 20.17 19.83
C PRO B 238 -1.80 19.63 20.49
N HIS B 239 -1.97 19.03 21.66
CA HIS B 239 -0.91 18.29 22.32
C HIS B 239 -0.75 17.00 21.51
N ILE B 240 0.47 16.47 21.42
CA ILE B 240 0.72 15.24 20.66
C ILE B 240 -0.07 14.04 21.21
N GLY B 241 -0.35 14.08 22.51
CA GLY B 241 -1.16 13.06 23.16
C GLY B 241 -2.61 13.05 22.69
N ASP B 242 -2.99 14.08 21.93
CA ASP B 242 -4.34 14.14 21.38
C ASP B 242 -4.32 13.90 19.87
N THR B 243 -3.23 13.33 19.37
CA THR B 243 -3.10 13.06 17.94
C THR B 243 -2.87 11.57 17.73
N LEU B 244 -2.86 11.13 16.48
CA LEU B 244 -2.71 9.71 16.16
C LEU B 244 -1.37 9.15 16.65
N PHE B 245 -0.39 10.04 16.81
CA PHE B 245 0.94 9.62 17.23
C PHE B 245 0.89 8.91 18.56
N THR B 246 -0.08 9.27 19.39
CA THR B 246 -0.19 8.69 20.72
C THR B 246 -0.48 7.19 20.70
N LEU B 247 -1.10 6.71 19.63
CA LEU B 247 -1.48 5.30 19.54
C LEU B 247 -0.25 4.38 19.47
N PHE B 248 0.86 4.91 19.01
CA PHE B 248 2.02 4.11 18.65
C PHE B 248 3.16 4.06 19.66
N ARG B 249 2.91 4.47 20.90
CA ARG B 249 3.85 4.16 21.97
C ARG B 249 3.38 2.87 22.64
N ALA B 250 3.55 1.78 21.90
CA ALA B 250 3.12 0.45 22.32
C ALA B 250 4.38 -0.37 22.50
N PRO B 251 4.38 -1.27 23.48
CA PRO B 251 5.56 -2.05 23.86
C PRO B 251 6.13 -2.81 22.66
N GLU B 252 5.25 -3.27 21.77
CA GLU B 252 5.71 -4.01 20.58
C GLU B 252 6.64 -3.16 19.72
N LEU B 253 6.43 -1.84 19.75
CA LEU B 253 7.16 -0.96 18.85
C LEU B 253 8.41 -0.37 19.49
N LEU B 254 8.63 -0.66 20.77
CA LEU B 254 9.71 -0.01 21.52
C LEU B 254 10.92 -0.92 21.71
N ALA B 255 12.09 -0.39 21.39
CA ALA B 255 13.38 -1.05 21.65
C ALA B 255 13.64 -1.10 23.15
N PRO B 256 14.58 -1.95 23.59
CA PRO B 256 14.90 -2.00 25.02
C PRO B 256 15.38 -0.66 25.56
N ASN B 257 16.08 0.13 24.74
CA ASN B 257 16.51 1.45 25.16
C ASN B 257 15.36 2.45 25.29
N GLY B 258 14.14 1.98 25.02
CA GLY B 258 12.96 2.77 25.25
C GLY B 258 12.35 3.53 24.08
N ASP B 259 13.12 3.81 23.04
CA ASP B 259 12.58 4.56 21.90
C ASP B 259 11.92 3.63 20.88
N LEU B 260 11.20 4.21 19.93
CA LEU B 260 10.65 3.45 18.82
C LEU B 260 11.79 2.88 18.00
N TYR B 261 11.64 1.64 17.57
CA TYR B 261 12.51 1.13 16.52
C TYR B 261 12.42 2.10 15.35
N ASN B 262 13.51 2.26 14.61
CA ASN B 262 13.55 3.22 13.52
C ASN B 262 12.54 2.91 12.42
N VAL B 263 12.32 1.62 12.18
CA VAL B 263 11.40 1.21 11.13
C VAL B 263 10.02 1.79 11.40
N PHE B 264 9.60 1.78 12.67
CA PHE B 264 8.29 2.30 13.04
C PHE B 264 8.26 3.82 13.04
N ALA B 265 9.37 4.42 13.47
CA ALA B 265 9.53 5.87 13.43
C ALA B 265 9.42 6.37 12.00
N TRP B 266 10.00 5.63 11.05
CA TRP B 266 9.88 5.99 9.64
C TRP B 266 8.43 5.94 9.15
N ALA B 267 7.66 4.96 9.63
CA ALA B 267 6.24 4.91 9.29
C ALA B 267 5.51 6.15 9.80
N LEU B 268 5.93 6.65 10.95
CA LEU B 268 5.28 7.83 11.51
C LEU B 268 5.68 9.08 10.71
N ASP B 269 6.93 9.09 10.22
CA ASP B 269 7.36 10.14 9.31
C ASP B 269 6.49 10.16 8.07
N VAL B 270 6.13 8.98 7.57
CA VAL B 270 5.25 8.87 6.41
C VAL B 270 3.85 9.35 6.76
N LEU B 271 3.36 8.95 7.93
CA LEU B 271 2.04 9.41 8.36
C LEU B 271 1.97 10.94 8.39
N ALA B 272 3.01 11.58 8.92
CA ALA B 272 3.05 13.03 9.01
C ALA B 272 3.02 13.67 7.62
N LYS B 273 3.83 13.15 6.71
CA LYS B 273 3.93 13.69 5.36
C LYS B 273 2.60 13.59 4.59
N ARG B 274 1.94 12.44 4.70
CA ARG B 274 0.67 12.22 4.02
C ARG B 274 -0.44 13.14 4.55
N LEU B 275 -0.57 13.24 5.87
CA LEU B 275 -1.64 14.03 6.46
C LEU B 275 -1.45 15.55 6.38
N ARG B 276 -0.20 16.02 6.40
CA ARG B 276 0.04 17.47 6.59
C ARG B 276 -0.40 18.31 5.40
N SER B 277 -0.55 17.71 4.24
CA SER B 277 -0.90 18.47 3.05
C SER B 277 -2.40 18.33 2.72
N MET B 278 -3.11 17.59 3.55
CA MET B 278 -4.56 17.42 3.35
C MET B 278 -5.31 18.65 3.85
N HIS B 279 -6.44 18.96 3.22
CA HIS B 279 -7.30 20.07 3.65
C HIS B 279 -8.50 19.46 4.31
N VAL B 280 -8.56 19.55 5.63
CA VAL B 280 -9.57 18.82 6.38
C VAL B 280 -10.68 19.72 6.89
N PHE B 281 -11.92 19.27 6.76
CA PHE B 281 -13.09 20.04 7.22
C PHE B 281 -13.96 19.16 8.09
N ILE B 282 -14.75 19.79 8.96
CA ILE B 282 -15.60 19.05 9.87
C ILE B 282 -17.02 19.42 9.55
N LEU B 283 -17.86 18.43 9.27
CA LEU B 283 -19.27 18.67 9.02
C LEU B 283 -20.05 18.28 10.25
N ASP B 284 -20.96 19.15 10.67
CA ASP B 284 -21.87 18.83 11.77
C ASP B 284 -23.06 18.05 11.23
N TYR B 285 -23.12 16.75 11.56
CA TYR B 285 -24.21 15.88 11.15
C TYR B 285 -25.43 15.92 12.09
N ASP B 286 -25.35 16.73 13.15
CA ASP B 286 -26.44 16.79 14.12
C ASP B 286 -27.55 17.71 13.61
N GLN B 287 -28.13 17.33 12.46
CA GLN B 287 -29.20 18.10 11.84
C GLN B 287 -29.86 17.27 10.75
N SER B 288 -30.93 17.80 10.16
CA SER B 288 -31.69 17.08 9.15
C SER B 288 -30.88 16.77 7.90
N PRO B 289 -31.35 15.81 7.10
CA PRO B 289 -30.65 15.49 5.85
C PRO B 289 -30.45 16.69 4.94
N ALA B 290 -31.48 17.51 4.75
CA ALA B 290 -31.33 18.72 3.95
C ALA B 290 -30.36 19.72 4.62
N GLY B 291 -30.42 19.79 5.94
CA GLY B 291 -29.51 20.65 6.68
C GLY B 291 -28.07 20.28 6.40
N CYS B 292 -27.78 18.98 6.48
CA CYS B 292 -26.43 18.49 6.24
C CYS B 292 -25.97 18.86 4.84
N ARG B 293 -26.85 18.68 3.86
CA ARG B 293 -26.53 18.92 2.47
C ARG B 293 -26.09 20.35 2.26
N ASP B 294 -26.86 21.28 2.82
CA ASP B 294 -26.57 22.69 2.64
C ASP B 294 -25.32 23.10 3.43
N ALA B 295 -25.13 22.47 4.58
CA ALA B 295 -23.90 22.66 5.34
C ALA B 295 -22.70 22.25 4.48
N LEU B 296 -22.81 21.09 3.83
CA LEU B 296 -21.71 20.59 3.05
C LEU B 296 -21.47 21.49 1.86
N LEU B 297 -22.56 21.94 1.25
CA LEU B 297 -22.48 22.85 0.12
C LEU B 297 -21.72 24.12 0.50
N GLN B 298 -22.05 24.69 1.66
CA GLN B 298 -21.39 25.92 2.10
C GLN B 298 -19.90 25.64 2.27
N LEU B 299 -19.61 24.46 2.84
CA LEU B 299 -18.25 24.09 3.15
C LEU B 299 -17.38 23.98 1.89
N THR B 300 -17.97 23.59 0.76
CA THR B 300 -17.18 23.42 -0.46
C THR B 300 -16.66 24.73 -1.04
N SER B 301 -17.15 25.85 -0.52
CA SER B 301 -16.70 27.17 -0.97
C SER B 301 -15.26 27.46 -0.54
N GLY B 302 -14.86 26.94 0.61
CA GLY B 302 -13.50 27.12 1.07
C GLY B 302 -12.56 25.97 0.70
N MET B 303 -12.95 25.20 -0.32
CA MET B 303 -12.18 24.01 -0.69
C MET B 303 -11.25 24.21 -1.88
N VAL B 304 -10.17 23.45 -1.92
CA VAL B 304 -9.08 23.67 -2.86
C VAL B 304 -9.23 22.90 -4.16
N GLN B 305 -9.22 23.64 -5.27
CA GLN B 305 -9.33 23.04 -6.60
C GLN B 305 -7.96 22.82 -7.22
N THR B 306 -7.87 21.93 -8.19
CA THR B 306 -6.63 21.74 -8.94
C THR B 306 -6.91 21.89 -10.42
N HIS B 307 -5.85 22.05 -11.20
CA HIS B 307 -5.96 21.90 -12.65
C HIS B 307 -5.89 20.42 -12.98
N VAL B 308 -6.43 20.03 -14.12
CA VAL B 308 -6.23 18.69 -14.62
C VAL B 308 -5.03 18.67 -15.56
N THR B 309 -4.55 17.48 -15.90
CA THR B 309 -3.31 17.34 -16.66
C THR B 309 -3.52 17.53 -18.17
N THR B 310 -4.60 16.98 -18.70
CA THR B 310 -4.93 17.14 -20.10
C THR B 310 -6.37 17.64 -20.20
N PRO B 311 -6.76 18.21 -21.35
CA PRO B 311 -8.17 18.64 -21.44
C PRO B 311 -9.09 17.44 -21.47
N GLY B 312 -8.59 16.31 -21.96
CA GLY B 312 -9.34 15.07 -21.97
C GLY B 312 -9.45 14.40 -20.62
N SER B 313 -8.85 15.01 -19.60
CA SER B 313 -8.90 14.46 -18.24
C SER B 313 -10.31 14.46 -17.68
N ILE B 314 -11.03 15.56 -17.90
CA ILE B 314 -12.38 15.68 -17.35
C ILE B 314 -13.32 14.55 -17.76
N PRO B 315 -13.53 14.34 -19.07
CA PRO B 315 -14.49 13.28 -19.40
C PRO B 315 -13.98 11.89 -19.01
N THR B 316 -12.67 11.70 -19.09
CA THR B 316 -12.06 10.46 -18.62
C THR B 316 -12.46 10.23 -17.17
N ILE B 317 -12.33 11.27 -16.35
CA ILE B 317 -12.68 11.18 -14.93
C ILE B 317 -14.17 10.85 -14.74
N CYS B 318 -15.05 11.51 -15.50
CA CYS B 318 -16.48 11.19 -15.43
C CYS B 318 -16.74 9.74 -15.80
N ASP B 319 -16.04 9.25 -16.82
CA ASP B 319 -16.22 7.87 -17.23
C ASP B 319 -15.81 6.90 -16.12
N LEU B 320 -14.64 7.15 -15.53
CA LEU B 320 -14.14 6.35 -14.41
C LEU B 320 -15.15 6.31 -13.26
N ALA B 321 -15.62 7.48 -12.84
CA ALA B 321 -16.57 7.56 -11.74
C ALA B 321 -17.85 6.78 -12.03
N ARG B 322 -18.41 6.99 -13.21
CA ARG B 322 -19.63 6.27 -13.59
C ARG B 322 -19.39 4.77 -13.73
N THR B 323 -18.26 4.40 -14.32
CA THR B 323 -17.92 2.98 -14.41
C THR B 323 -17.84 2.34 -13.02
N PHE B 324 -17.07 2.97 -12.14
CA PHE B 324 -16.95 2.58 -10.73
C PHE B 324 -18.33 2.42 -10.11
N ALA B 325 -19.13 3.48 -10.17
CA ALA B 325 -20.50 3.46 -9.60
C ALA B 325 -21.36 2.30 -10.12
N ARG B 326 -21.34 2.08 -11.43
CA ARG B 326 -22.13 1.00 -12.01
C ARG B 326 -21.69 -0.37 -11.51
N GLU B 327 -20.39 -0.58 -11.46
CA GLU B 327 -19.86 -1.90 -11.16
C GLU B 327 -19.86 -2.23 -9.66
N MET B 328 -19.50 -1.24 -8.85
CA MET B 328 -19.27 -1.49 -7.42
C MET B 328 -20.28 -0.86 -6.48
N GLY B 329 -21.04 0.10 -6.99
CA GLY B 329 -22.09 0.71 -6.20
C GLY B 329 -23.25 -0.25 -6.03
N GLU B 330 -23.97 -0.12 -4.91
CA GLU B 330 -25.15 -0.92 -4.61
C GLU B 330 -26.21 -0.82 -5.70
N1 FSK C . 9.95 -14.71 0.72
C6 FSK C . 10.55 -16.06 0.88
O1 FSK C . 7.88 -15.66 1.13
O2 FSK C . 7.88 -11.22 0.31
N2 FSK C . 7.90 -13.43 0.73
C1 FSK C . 8.54 -14.67 0.87
C2 FSK C . 8.57 -12.25 0.42
C3 FSK C . 10.01 -12.36 0.27
C4 FSK C . 10.70 -11.09 -0.04
C5 FSK C . 10.67 -13.54 0.42
C11 FSK C . 12.15 -13.63 0.25
C12 FSK C . 13.05 -13.76 1.23
C14 FSK C . 12.67 -14.13 2.63
C13 FSK C . 14.55 -13.71 1.04
F FSK C . 13.05 -15.42 2.82
O3 FSK C . 14.81 -13.13 -0.21
S SO4 D . 19.51 -14.69 -1.78
O1 SO4 D . 20.32 -14.34 -0.62
O2 SO4 D . 18.55 -13.62 -2.09
O3 SO4 D . 20.41 -14.92 -2.89
O4 SO4 D . 18.76 -15.90 -1.48
S SO4 E . 5.04 -30.11 10.39
O1 SO4 E . 6.08 -30.28 11.40
O2 SO4 E . 4.66 -28.71 10.30
O3 SO4 E . 3.87 -30.91 10.74
O4 SO4 E . 5.56 -30.55 9.09
N1 FSK F . -15.74 -0.41 7.88
C6 FSK F . -16.98 -0.64 8.65
O1 FSK F . -14.80 -2.14 9.07
O2 FSK F . -12.16 -0.09 6.01
N2 FSK F . -13.46 -1.13 7.54
C1 FSK F . -14.67 -1.28 8.21
C2 FSK F . -13.26 -0.15 6.54
C3 FSK F . -14.41 0.70 6.24
C4 FSK F . -14.12 1.71 5.19
C5 FSK F . -15.61 0.58 6.88
C11 FSK F . -16.78 1.47 6.60
C12 FSK F . -17.86 1.17 5.88
C14 FSK F . -18.19 -0.24 5.49
C13 FSK F . -18.94 2.15 5.46
F FSK F . -19.09 -0.74 6.36
O3 FSK F . -18.66 3.40 6.04
S SO4 G . -23.64 6.41 6.78
O1 SO4 G . -22.26 5.98 6.95
O2 SO4 G . -23.75 7.85 6.87
O3 SO4 G . -24.12 6.01 5.46
O4 SO4 G . -24.49 5.79 7.78
S SO4 H . 4.16 18.28 1.21
O1 SO4 H . 5.59 18.30 1.48
O2 SO4 H . 3.43 18.49 2.46
O3 SO4 H . 3.80 16.99 0.63
O4 SO4 H . 3.80 19.36 0.30
S SO4 I . -32.35 9.16 12.42
O1 SO4 I . -31.65 10.28 13.03
O2 SO4 I . -33.78 9.46 12.34
O3 SO4 I . -31.83 8.94 11.07
O4 SO4 I . -32.16 7.95 13.22
C1 EDO J . -22.02 -16.52 15.08
O1 EDO J . -20.70 -16.53 15.65
C2 EDO J . -23.06 -16.66 16.18
O2 EDO J . -22.97 -15.55 17.09
#